data_9GYI
#
_entry.id   9GYI
#
_entity_poly.entity_id   1
_entity_poly.type   'polypeptide(L)'
_entity_poly.pdbx_seq_one_letter_code
;MPRIIELRQQKTAIKNQMRDMLENAEKENRSLNDAEGAKFDELRAKAESLDKDISRLEAIADEERSKPGKSSQTTDPAEL
RNYILTGETRALSTGVPADGGYTVIPELNTEIMRMLTDESTMRRICTVKKISSNEFKQLVSAGGATVNHGEEGKTREQTS
TPQINEVSIKLYPVYAYPRTTQEIVDFSDVDILSWLTGEIGDTFTETEESDLVVGDGDKKAKGFLSVPRAEKNDKERDFG
TLQVIKPSESLAWTSADPLIDLKFALRKKYRKNAVWVVNSTTAAKLQKVKNANGDYIWRDRLQAGDPDTLLGLPVEYLEF
MPDNVIALGDFKRGYYIVDHETGVRTRPDNLTEPGFIKIFTQKYLGGGVVDSNAIKILELPQDDD
;
_entity_poly.pdbx_strand_id   B,C,D,A
#
# COMPACT_ATOMS: atom_id res chain seq x y z
N SER A 93 16.89 18.12 -12.08
CA SER A 93 16.22 17.96 -10.80
C SER A 93 15.67 16.54 -10.68
N THR A 94 16.50 15.64 -10.17
CA THR A 94 16.11 14.26 -9.90
C THR A 94 16.38 13.98 -8.42
N GLY A 95 15.60 13.05 -7.87
CA GLY A 95 15.61 12.75 -6.44
C GLY A 95 16.97 12.53 -5.82
N VAL A 96 17.99 12.39 -6.65
CA VAL A 96 19.39 12.43 -6.23
C VAL A 96 19.57 13.64 -5.33
N PRO A 97 20.25 13.50 -4.17
CA PRO A 97 20.29 14.57 -3.18
C PRO A 97 20.59 15.96 -3.73
N ALA A 98 21.60 16.06 -4.60
CA ALA A 98 22.04 17.37 -5.07
C ALA A 98 20.96 18.12 -5.83
N ASP A 99 20.55 17.62 -6.99
CA ASP A 99 19.61 18.36 -7.84
C ASP A 99 18.18 18.07 -7.39
N GLY A 100 17.75 18.79 -6.36
CA GLY A 100 16.39 18.68 -5.89
C GLY A 100 16.10 17.48 -5.01
N GLY A 101 17.13 16.78 -4.54
CA GLY A 101 16.92 15.68 -3.61
C GLY A 101 16.86 16.16 -2.18
N TYR A 102 17.65 17.19 -1.86
CA TYR A 102 17.57 17.79 -0.54
C TYR A 102 16.22 18.44 -0.33
N THR A 103 15.64 18.96 -1.41
CA THR A 103 14.26 19.40 -1.51
C THR A 103 13.28 18.49 -0.77
N VAL A 104 13.47 17.18 -0.92
CA VAL A 104 12.53 16.20 -0.37
C VAL A 104 12.81 16.06 1.12
N ILE A 105 12.00 16.71 1.95
CA ILE A 105 12.00 16.38 3.36
C ILE A 105 11.24 15.08 3.55
N PRO A 106 11.66 14.22 4.46
CA PRO A 106 10.82 13.07 4.83
C PRO A 106 9.75 13.50 5.83
N GLU A 107 8.49 13.21 5.49
CA GLU A 107 7.37 13.61 6.35
C GLU A 107 7.37 12.70 7.58
N LEU A 108 7.93 13.19 8.68
CA LEU A 108 7.98 12.43 9.92
C LEU A 108 6.72 12.69 10.73
N ASN A 109 6.14 11.62 11.26
CA ASN A 109 4.89 11.71 12.00
C ASN A 109 5.17 12.20 13.43
N THR A 110 4.38 13.18 13.88
CA THR A 110 4.63 13.80 15.17
C THR A 110 4.33 12.83 16.31
N GLU A 111 3.14 12.26 16.33
CA GLU A 111 2.72 11.38 17.42
C GLU A 111 3.39 10.02 17.26
N ILE A 112 4.29 9.69 18.18
CA ILE A 112 4.98 8.40 18.17
C ILE A 112 4.04 7.33 18.71
N MET A 113 3.97 6.21 18.01
CA MET A 113 3.20 5.07 18.52
C MET A 113 3.95 4.42 19.66
N ARG A 114 3.24 4.18 20.77
CA ARG A 114 3.83 3.55 21.95
C ARG A 114 3.53 2.06 21.93
N MET A 115 4.49 1.27 22.40
CA MET A 115 4.29 -0.17 22.48
C MET A 115 3.12 -0.48 23.42
N LEU A 116 2.22 -1.34 22.95
CA LEU A 116 1.02 -1.66 23.71
C LEU A 116 1.39 -2.60 24.85
N THR A 117 1.27 -2.10 26.09
CA THR A 117 1.66 -2.85 27.27
C THR A 117 0.54 -3.83 27.68
N ASP A 118 0.85 -4.68 28.65
CA ASP A 118 0.03 -5.86 28.94
C ASP A 118 -1.07 -5.59 29.96
N GLU A 119 -1.83 -4.52 29.74
CA GLU A 119 -3.19 -4.36 30.27
C GLU A 119 -3.25 -4.40 31.80
N SER A 120 -2.11 -4.24 32.47
CA SER A 120 -2.05 -4.16 33.94
C SER A 120 -2.83 -5.31 34.59
N THR A 121 -2.34 -6.52 34.36
CA THR A 121 -3.10 -7.72 34.69
C THR A 121 -3.21 -7.94 36.19
N MET A 122 -2.10 -7.77 36.92
CA MET A 122 -2.07 -8.15 38.33
C MET A 122 -3.05 -7.34 39.17
N ARG A 123 -3.11 -6.02 38.95
CA ARG A 123 -3.98 -5.19 39.78
C ARG A 123 -5.45 -5.33 39.39
N ARG A 124 -5.76 -5.96 38.25
CA ARG A 124 -7.11 -6.45 38.02
C ARG A 124 -7.35 -7.76 38.75
N ILE A 125 -6.35 -8.64 38.76
CA ILE A 125 -6.53 -9.97 39.35
C ILE A 125 -6.49 -9.88 40.88
N CYS A 126 -5.36 -9.43 41.42
CA CYS A 126 -5.18 -9.44 42.86
C CYS A 126 -6.02 -8.33 43.51
N THR A 127 -6.15 -8.41 44.83
CA THR A 127 -6.78 -7.33 45.57
C THR A 127 -5.79 -6.20 45.76
N VAL A 128 -6.23 -4.98 45.45
CA VAL A 128 -5.41 -3.79 45.52
C VAL A 128 -5.81 -2.99 46.75
N LYS A 129 -4.82 -2.53 47.49
CA LYS A 129 -5.02 -1.74 48.70
C LYS A 129 -4.37 -0.37 48.48
N LYS A 130 -4.96 0.66 49.06
CA LYS A 130 -4.45 2.02 48.95
C LYS A 130 -4.19 2.55 50.36
N ILE A 131 -2.99 2.27 50.87
CA ILE A 131 -2.71 2.60 52.27
C ILE A 131 -1.94 3.91 52.34
N SER A 132 -1.92 4.51 53.54
CA SER A 132 -1.17 5.74 53.79
C SER A 132 0.09 5.50 54.59
N SER A 133 0.59 4.26 54.59
CA SER A 133 1.75 3.87 55.39
C SER A 133 2.73 3.10 54.50
N ASN A 134 3.86 2.72 55.09
CA ASN A 134 4.85 1.93 54.36
C ASN A 134 4.48 0.45 54.31
N GLU A 135 3.85 -0.07 55.35
CA GLU A 135 3.56 -1.48 55.48
C GLU A 135 2.06 -1.73 55.52
N PHE A 136 1.64 -2.84 54.90
CA PHE A 136 0.32 -3.40 55.11
C PHE A 136 0.50 -4.74 55.83
N LYS A 137 -0.16 -4.90 56.97
CA LYS A 137 0.00 -6.08 57.81
C LYS A 137 -1.35 -6.73 58.00
N GLN A 138 -1.61 -7.77 57.20
CA GLN A 138 -2.85 -8.54 57.30
C GLN A 138 -2.65 -9.69 58.28
N LEU A 139 -3.45 -9.70 59.34
CA LEU A 139 -3.43 -10.81 60.29
C LEU A 139 -4.25 -11.96 59.73
N VAL A 140 -3.65 -13.14 59.67
CA VAL A 140 -4.30 -14.31 59.09
C VAL A 140 -4.28 -15.46 60.10
N SER A 141 -5.29 -16.32 60.00
CA SER A 141 -5.37 -17.50 60.85
C SER A 141 -4.49 -18.60 60.28
N ALA A 142 -3.46 -18.99 61.02
CA ALA A 142 -2.56 -20.05 60.59
C ALA A 142 -3.06 -21.43 60.99
N GLY A 143 -4.23 -21.53 61.61
CA GLY A 143 -4.75 -22.80 62.07
C GLY A 143 -4.09 -23.25 63.35
N GLY A 144 -3.85 -24.56 63.48
CA GLY A 144 -3.22 -25.08 64.68
C GLY A 144 -4.11 -25.09 65.90
N ALA A 145 -5.43 -25.07 65.70
CA ALA A 145 -6.39 -25.11 66.80
C ALA A 145 -6.90 -26.55 66.91
N THR A 146 -6.25 -27.33 67.78
CA THR A 146 -6.62 -28.73 67.94
C THR A 146 -7.95 -28.86 68.66
N VAL A 147 -8.69 -29.92 68.30
CA VAL A 147 -9.95 -30.28 68.96
C VAL A 147 -9.77 -31.66 69.54
N ASN A 148 -9.84 -31.77 70.86
CA ASN A 148 -9.65 -33.04 71.55
C ASN A 148 -10.99 -33.76 71.68
N HIS A 149 -10.90 -35.06 71.97
CA HIS A 149 -12.07 -35.94 72.00
C HIS A 149 -12.57 -36.17 73.43
N GLY A 150 -11.72 -36.70 74.29
CA GLY A 150 -12.14 -36.91 75.66
C GLY A 150 -13.17 -38.01 75.80
N GLU A 151 -13.69 -38.15 77.02
CA GLU A 151 -14.60 -39.23 77.33
C GLU A 151 -15.60 -38.77 78.39
N GLU A 152 -16.61 -39.61 78.61
CA GLU A 152 -17.41 -39.56 79.82
C GLU A 152 -16.53 -39.71 81.05
N GLY A 153 -16.58 -38.72 81.94
CA GLY A 153 -15.82 -38.81 83.17
C GLY A 153 -14.32 -38.85 82.99
N LYS A 154 -13.80 -38.14 81.99
CA LYS A 154 -12.37 -38.07 81.74
C LYS A 154 -11.99 -36.60 81.60
N THR A 155 -10.96 -36.17 82.32
CA THR A 155 -10.62 -34.76 82.41
C THR A 155 -10.21 -34.21 81.04
N ARG A 156 -10.30 -32.88 80.92
CA ARG A 156 -10.14 -32.21 79.63
C ARG A 156 -8.79 -31.48 79.61
N GLU A 157 -7.93 -31.86 78.68
CA GLU A 157 -6.65 -31.20 78.53
C GLU A 157 -6.81 -29.88 77.76
N GLN A 158 -5.85 -28.99 77.95
CA GLN A 158 -5.87 -27.68 77.29
C GLN A 158 -5.47 -27.83 75.83
N THR A 159 -6.39 -27.51 74.93
CA THR A 159 -6.11 -27.55 73.51
C THR A 159 -5.26 -26.35 73.09
N SER A 160 -4.44 -26.55 72.07
CA SER A 160 -3.58 -25.48 71.58
C SER A 160 -4.42 -24.40 70.92
N THR A 161 -4.18 -23.15 71.29
CA THR A 161 -4.92 -22.04 70.74
C THR A 161 -4.51 -21.81 69.28
N PRO A 162 -5.42 -21.29 68.46
CA PRO A 162 -5.07 -21.00 67.06
C PRO A 162 -3.98 -19.94 66.96
N GLN A 163 -3.13 -20.08 65.95
CA GLN A 163 -2.03 -19.17 65.73
C GLN A 163 -2.39 -18.10 64.71
N ILE A 164 -1.75 -16.94 64.84
CA ILE A 164 -1.96 -15.81 63.94
C ILE A 164 -0.64 -15.48 63.27
N ASN A 165 -0.68 -15.29 61.95
CA ASN A 165 0.49 -14.92 61.17
C ASN A 165 0.30 -13.51 60.61
N GLU A 166 1.43 -12.82 60.46
CA GLU A 166 1.47 -11.41 60.11
C GLU A 166 2.38 -11.23 58.91
N VAL A 167 1.80 -10.87 57.77
CA VAL A 167 2.55 -10.64 56.54
C VAL A 167 2.87 -9.15 56.45
N SER A 168 4.16 -8.84 56.42
CA SER A 168 4.62 -7.45 56.34
C SER A 168 4.82 -7.10 54.87
N ILE A 169 3.79 -6.52 54.26
CA ILE A 169 3.87 -6.11 52.86
C ILE A 169 4.46 -4.70 52.87
N LYS A 170 5.77 -4.63 52.68
CA LYS A 170 6.48 -3.36 52.63
C LYS A 170 6.23 -2.67 51.29
N LEU A 171 6.23 -1.33 51.32
CA LEU A 171 6.17 -0.54 50.10
C LEU A 171 7.58 -0.14 49.67
N TYR A 172 7.82 -0.18 48.36
CA TYR A 172 9.12 0.12 47.80
C TYR A 172 8.92 0.93 46.52
N PRO A 173 9.65 2.03 46.35
CA PRO A 173 9.42 2.90 45.20
C PRO A 173 10.05 2.34 43.93
N VAL A 174 9.20 2.04 42.94
CA VAL A 174 9.68 1.67 41.62
C VAL A 174 9.87 2.94 40.81
N TYR A 175 11.01 3.59 40.99
CA TYR A 175 11.24 4.91 40.41
C TYR A 175 11.75 4.81 38.98
N ALA A 176 11.45 5.84 38.20
CA ALA A 176 12.04 6.04 36.88
C ALA A 176 12.66 7.44 36.86
N TYR A 177 13.93 7.50 36.47
CA TYR A 177 14.69 8.75 36.51
C TYR A 177 15.39 8.97 35.16
N PRO A 178 14.62 9.14 34.07
CA PRO A 178 15.26 9.31 32.76
C PRO A 178 15.81 10.71 32.56
N ARG A 179 17.13 10.81 32.41
CA ARG A 179 17.81 12.08 32.22
C ARG A 179 17.75 12.44 30.74
N THR A 180 16.67 13.09 30.32
CA THR A 180 16.55 13.56 28.94
C THR A 180 17.22 14.91 28.84
N THR A 181 17.78 15.21 27.66
CA THR A 181 18.39 16.51 27.49
C THR A 181 17.32 17.55 27.14
N GLN A 182 17.62 18.80 27.51
CA GLN A 182 16.77 19.91 27.07
C GLN A 182 16.81 20.05 25.55
N GLU A 183 17.89 19.58 24.93
CA GLU A 183 18.02 19.64 23.47
C GLU A 183 16.87 18.92 22.79
N ILE A 184 16.57 17.69 23.23
CA ILE A 184 15.52 16.91 22.59
C ILE A 184 14.17 17.59 22.76
N VAL A 185 13.89 18.10 23.97
CA VAL A 185 12.60 18.71 24.25
C VAL A 185 12.40 19.96 23.40
N ASP A 186 13.43 20.82 23.34
CA ASP A 186 13.28 22.07 22.62
C ASP A 186 13.31 21.88 21.11
N PHE A 187 14.20 21.03 20.60
CA PHE A 187 14.35 20.89 19.16
C PHE A 187 13.18 20.16 18.54
N SER A 188 12.75 19.06 19.15
CA SER A 188 11.74 18.20 18.54
C SER A 188 10.35 18.83 18.65
N ASP A 189 9.54 18.58 17.62
CA ASP A 189 8.15 18.98 17.62
C ASP A 189 7.23 17.88 18.18
N VAL A 190 7.81 16.76 18.61
CA VAL A 190 7.02 15.65 19.13
C VAL A 190 6.51 15.95 20.54
N ASP A 191 7.12 16.92 21.23
CA ASP A 191 6.87 17.15 22.66
C ASP A 191 7.20 15.87 23.43
N ILE A 192 8.48 15.50 23.42
CA ILE A 192 8.90 14.18 23.89
C ILE A 192 8.67 13.99 25.38
N LEU A 193 8.36 15.05 26.13
CA LEU A 193 8.04 14.87 27.55
C LEU A 193 6.76 14.06 27.75
N SER A 194 5.71 14.37 26.97
CA SER A 194 4.47 13.61 27.08
C SER A 194 4.66 12.16 26.64
N TRP A 195 5.39 11.95 25.53
CA TRP A 195 5.67 10.59 25.08
C TRP A 195 6.48 9.84 26.12
N LEU A 196 7.43 10.51 26.77
CA LEU A 196 8.23 9.88 27.80
C LEU A 196 7.38 9.54 29.02
N THR A 197 6.45 10.41 29.38
CA THR A 197 5.55 10.08 30.48
C THR A 197 4.71 8.86 30.17
N GLY A 198 4.22 8.78 28.92
CA GLY A 198 3.51 7.58 28.50
C GLY A 198 4.37 6.32 28.55
N GLU A 199 5.61 6.42 28.08
CA GLU A 199 6.53 5.29 28.11
C GLU A 199 6.85 4.88 29.54
N ILE A 200 7.05 5.85 30.43
CA ILE A 200 7.35 5.56 31.83
C ILE A 200 6.14 4.93 32.50
N GLY A 201 4.93 5.35 32.14
CA GLY A 201 3.74 4.68 32.65
C GLY A 201 3.63 3.25 32.16
N ASP A 202 3.92 3.02 30.88
CA ASP A 202 3.87 1.67 30.33
C ASP A 202 4.90 0.77 31.02
N THR A 203 6.12 1.27 31.18
CA THR A 203 7.15 0.50 31.86
C THR A 203 6.87 0.39 33.36
N PHE A 204 6.15 1.34 33.94
CA PHE A 204 5.71 1.20 35.31
C PHE A 204 4.76 0.02 35.45
N THR A 205 3.81 -0.10 34.52
CA THR A 205 2.92 -1.26 34.53
C THR A 205 3.71 -2.56 34.30
N GLU A 206 4.64 -2.53 33.34
CA GLU A 206 5.43 -3.73 33.05
C GLU A 206 6.27 -4.16 34.24
N THR A 207 6.90 -3.20 34.92
CA THR A 207 7.74 -3.52 36.07
C THR A 207 6.89 -3.88 37.29
N GLU A 208 5.69 -3.32 37.39
CA GLU A 208 4.76 -3.76 38.42
C GLU A 208 4.41 -5.23 38.23
N GLU A 209 4.11 -5.61 36.99
CA GLU A 209 3.84 -7.01 36.69
C GLU A 209 5.06 -7.87 37.00
N SER A 210 6.25 -7.42 36.59
CA SER A 210 7.47 -8.18 36.82
C SER A 210 7.72 -8.39 38.30
N ASP A 211 7.61 -7.33 39.10
CA ASP A 211 7.86 -7.44 40.53
C ASP A 211 6.82 -8.32 41.20
N LEU A 212 5.54 -8.08 40.92
CA LEU A 212 4.49 -8.86 41.57
C LEU A 212 4.47 -10.31 41.10
N VAL A 213 5.11 -10.62 39.98
CA VAL A 213 5.20 -12.00 39.52
C VAL A 213 6.57 -12.57 39.84
N VAL A 214 7.63 -11.98 39.29
CA VAL A 214 8.98 -12.45 39.57
C VAL A 214 9.79 -11.32 40.20
N GLY A 215 9.72 -11.23 41.53
CA GLY A 215 10.58 -10.33 42.27
C GLY A 215 10.98 -10.98 43.58
N ASP A 216 12.28 -11.14 43.81
CA ASP A 216 12.75 -11.94 44.93
C ASP A 216 12.35 -11.35 46.28
N GLY A 217 12.06 -10.06 46.31
CA GLY A 217 11.68 -9.39 47.53
C GLY A 217 12.82 -8.72 48.29
N ASP A 218 14.00 -8.59 47.68
CA ASP A 218 15.11 -7.90 48.31
C ASP A 218 14.82 -6.41 48.27
N LYS A 219 13.94 -5.98 49.19
CA LYS A 219 13.35 -4.65 49.18
C LYS A 219 12.64 -4.38 47.86
N LYS A 220 11.77 -5.32 47.48
CA LYS A 220 10.95 -5.21 46.30
C LYS A 220 9.55 -5.67 46.65
N ALA A 221 8.66 -5.65 45.67
CA ALA A 221 7.34 -6.26 45.82
C ALA A 221 7.50 -7.76 45.65
N LYS A 222 7.48 -8.49 46.76
CA LYS A 222 7.76 -9.92 46.75
C LYS A 222 6.68 -10.66 45.95
N GLY A 223 7.06 -11.21 44.81
CA GLY A 223 6.09 -11.86 43.95
C GLY A 223 5.66 -13.21 44.47
N PHE A 224 4.56 -13.71 43.90
CA PHE A 224 4.02 -15.01 44.30
C PHE A 224 4.82 -16.18 43.73
N LEU A 225 5.67 -15.94 42.73
CA LEU A 225 6.54 -17.00 42.25
C LEU A 225 7.88 -17.03 42.97
N SER A 226 8.34 -15.88 43.48
CA SER A 226 9.64 -15.82 44.12
C SER A 226 9.62 -16.39 45.53
N VAL A 227 8.46 -16.43 46.16
CA VAL A 227 8.34 -16.95 47.52
C VAL A 227 8.67 -18.44 47.50
N PRO A 228 9.17 -19.00 48.61
CA PRO A 228 9.55 -20.42 48.60
C PRO A 228 8.35 -21.33 48.40
N ARG A 229 8.64 -22.52 47.88
CA ARG A 229 7.62 -23.47 47.47
C ARG A 229 7.93 -24.85 48.05
N ALA A 230 6.88 -25.66 48.15
CA ALA A 230 7.02 -27.04 48.62
C ALA A 230 5.82 -27.85 48.15
N GLU A 231 6.06 -29.11 47.81
CA GLU A 231 5.00 -30.01 47.34
C GLU A 231 4.26 -30.56 48.56
N LYS A 232 3.46 -29.69 49.18
CA LYS A 232 2.71 -30.03 50.38
C LYS A 232 1.34 -29.38 50.32
N ASN A 233 0.34 -30.08 50.85
CA ASN A 233 -1.02 -29.55 50.90
C ASN A 233 -1.12 -28.50 52.00
N ASP A 234 -2.28 -27.85 52.06
CA ASP A 234 -2.45 -26.70 52.96
C ASP A 234 -2.19 -27.07 54.41
N LYS A 235 -2.65 -28.24 54.84
CA LYS A 235 -2.46 -28.66 56.22
C LYS A 235 -0.98 -28.89 56.53
N GLU A 236 -0.28 -29.60 55.64
CA GLU A 236 1.11 -29.98 55.91
C GLU A 236 2.07 -28.84 55.62
N ARG A 237 1.76 -28.00 54.64
CA ARG A 237 2.70 -26.97 54.20
C ARG A 237 2.78 -25.83 55.20
N ASP A 238 3.93 -25.16 55.21
CA ASP A 238 4.06 -23.94 55.99
C ASP A 238 3.26 -22.81 55.36
N PHE A 239 2.89 -21.84 56.18
CA PHE A 239 2.06 -20.73 55.70
C PHE A 239 2.79 -19.91 54.63
N GLY A 240 4.04 -19.57 54.88
CA GLY A 240 4.76 -18.69 53.97
C GLY A 240 4.95 -19.29 52.60
N THR A 241 5.20 -20.59 52.54
CA THR A 241 5.44 -21.28 51.28
C THR A 241 4.14 -21.50 50.52
N LEU A 242 4.29 -21.88 49.24
CA LEU A 242 3.17 -22.19 48.37
C LEU A 242 3.25 -23.65 47.93
N GLN A 243 2.12 -24.17 47.48
CA GLN A 243 2.05 -25.54 46.97
C GLN A 243 2.42 -25.53 45.50
N VAL A 244 3.60 -26.06 45.20
CA VAL A 244 4.08 -26.16 43.83
C VAL A 244 3.89 -27.60 43.34
N ILE A 245 3.58 -27.74 42.06
CA ILE A 245 3.38 -29.04 41.44
C ILE A 245 4.48 -29.24 40.40
N LYS A 246 5.22 -30.32 40.53
CA LYS A 246 6.34 -30.64 39.62
C LYS A 246 6.10 -32.03 39.04
N PRO A 247 5.39 -32.12 37.91
CA PRO A 247 5.16 -33.42 37.29
C PRO A 247 6.40 -33.93 36.56
N SER A 248 6.44 -35.25 36.41
CA SER A 248 7.54 -35.91 35.71
C SER A 248 7.13 -37.29 35.21
N SER A 255 0.90 -33.18 28.04
CA SER A 255 -0.43 -33.40 28.61
C SER A 255 -0.79 -32.31 29.60
N ALA A 256 -2.09 -32.11 29.82
CA ALA A 256 -2.60 -31.04 30.68
C ALA A 256 -3.15 -31.59 32.00
N ASP A 257 -2.71 -32.79 32.40
CA ASP A 257 -3.03 -33.38 33.69
C ASP A 257 -2.55 -32.51 34.86
N PRO A 258 -1.32 -31.98 34.84
CA PRO A 258 -0.89 -31.12 35.94
C PRO A 258 -1.75 -29.89 36.14
N LEU A 259 -2.45 -29.42 35.11
CA LEU A 259 -3.37 -28.30 35.31
C LEU A 259 -4.55 -28.68 36.18
N ILE A 260 -5.11 -29.88 35.98
CA ILE A 260 -6.18 -30.34 36.85
C ILE A 260 -5.65 -30.59 38.26
N ASP A 261 -4.44 -31.16 38.35
CA ASP A 261 -3.80 -31.30 39.67
C ASP A 261 -3.68 -29.95 40.34
N LEU A 262 -3.34 -28.91 39.58
CA LEU A 262 -3.17 -27.58 40.12
C LEU A 262 -4.50 -26.99 40.60
N LYS A 263 -5.55 -27.15 39.79
CA LYS A 263 -6.85 -26.62 40.18
C LYS A 263 -7.36 -27.29 41.44
N PHE A 264 -7.22 -28.61 41.55
CA PHE A 264 -7.72 -29.30 42.72
C PHE A 264 -6.73 -29.29 43.87
N ALA A 265 -5.54 -28.73 43.67
CA ALA A 265 -4.70 -28.36 44.80
C ALA A 265 -5.36 -27.25 45.61
N LEU A 266 -6.04 -26.32 44.92
CA LEU A 266 -6.87 -25.34 45.60
C LEU A 266 -8.05 -26.04 46.28
N ARG A 267 -8.49 -25.46 47.40
CA ARG A 267 -9.68 -25.97 48.06
C ARG A 267 -10.93 -25.43 47.37
N LYS A 268 -12.07 -26.03 47.69
CA LYS A 268 -13.30 -25.77 46.94
C LYS A 268 -13.68 -24.29 46.96
N LYS A 269 -13.46 -23.62 48.09
CA LYS A 269 -13.90 -22.23 48.22
C LYS A 269 -13.07 -21.29 47.35
N TYR A 270 -11.80 -21.61 47.11
CA TYR A 270 -10.96 -20.73 46.30
C TYR A 270 -11.28 -20.87 44.82
N ARG A 271 -11.72 -22.05 44.40
CA ARG A 271 -11.95 -22.33 42.98
C ARG A 271 -12.98 -21.38 42.37
N LYS A 272 -13.99 -21.00 43.17
CA LYS A 272 -15.06 -20.16 42.65
C LYS A 272 -14.55 -18.82 42.15
N ASN A 273 -13.67 -18.18 42.92
CA ASN A 273 -13.15 -16.86 42.59
C ASN A 273 -11.71 -16.89 42.13
N ALA A 274 -11.14 -18.07 41.89
CA ALA A 274 -9.77 -18.17 41.44
C ALA A 274 -9.68 -17.87 39.94
N VAL A 275 -8.46 -17.58 39.49
CA VAL A 275 -8.21 -17.25 38.09
C VAL A 275 -6.81 -17.72 37.73
N TRP A 276 -6.68 -18.29 36.53
CA TRP A 276 -5.41 -18.78 36.02
C TRP A 276 -4.53 -17.63 35.59
N VAL A 277 -3.22 -17.79 35.78
CA VAL A 277 -2.23 -16.87 35.24
C VAL A 277 -1.16 -17.66 34.50
N VAL A 278 -0.89 -17.28 33.26
CA VAL A 278 0.03 -18.01 32.40
C VAL A 278 0.89 -17.02 31.62
N ASN A 279 2.11 -17.44 31.29
CA ASN A 279 2.92 -16.72 30.32
C ASN A 279 2.38 -16.94 28.92
N SER A 280 2.74 -16.04 28.01
CA SER A 280 2.32 -16.18 26.62
C SER A 280 2.84 -17.48 26.02
N THR A 281 4.11 -17.81 26.30
CA THR A 281 4.66 -19.09 25.86
C THR A 281 3.94 -20.26 26.50
N THR A 282 3.67 -20.17 27.81
CA THR A 282 2.94 -21.25 28.47
C THR A 282 1.50 -21.33 27.96
N ALA A 283 0.89 -20.18 27.65
CA ALA A 283 -0.46 -20.20 27.09
C ALA A 283 -0.46 -20.89 25.72
N ALA A 284 0.56 -20.61 24.90
CA ALA A 284 0.69 -21.31 23.62
C ALA A 284 0.84 -22.81 23.84
N LYS A 285 1.73 -23.19 24.76
CA LYS A 285 1.96 -24.60 25.03
C LYS A 285 0.70 -25.29 25.55
N LEU A 286 -0.13 -24.56 26.29
CA LEU A 286 -1.40 -25.11 26.75
C LEU A 286 -2.38 -25.27 25.59
N GLN A 287 -2.46 -24.28 24.70
CA GLN A 287 -3.31 -24.41 23.53
C GLN A 287 -2.80 -25.47 22.56
N LYS A 288 -1.52 -25.83 22.64
CA LYS A 288 -0.95 -26.89 21.81
C LYS A 288 -1.07 -28.27 22.45
N VAL A 289 -1.71 -28.37 23.62
CA VAL A 289 -2.02 -29.67 24.19
C VAL A 289 -3.09 -30.34 23.34
N LYS A 290 -2.85 -31.58 22.95
CA LYS A 290 -3.69 -32.25 21.97
C LYS A 290 -4.10 -33.64 22.45
N ASN A 291 -5.19 -34.13 21.86
CA ASN A 291 -5.47 -35.56 21.90
C ASN A 291 -4.35 -36.35 21.23
N ALA A 292 -4.40 -37.67 21.40
CA ALA A 292 -3.77 -38.53 20.42
C ALA A 292 -4.46 -38.30 19.09
N ASN A 293 -3.68 -38.38 18.01
CA ASN A 293 -4.05 -37.98 16.66
C ASN A 293 -4.03 -36.46 16.50
N GLY A 294 -3.94 -35.72 17.60
CA GLY A 294 -3.65 -34.29 17.48
C GLY A 294 -4.78 -33.27 17.53
N ASP A 295 -5.99 -33.65 17.93
CA ASP A 295 -7.02 -32.63 18.19
C ASP A 295 -6.74 -31.95 19.51
N TYR A 296 -6.87 -30.62 19.51
CA TYR A 296 -6.47 -29.82 20.66
C TYR A 296 -7.45 -29.99 21.81
N ILE A 297 -6.92 -30.07 23.03
CA ILE A 297 -7.74 -30.30 24.21
C ILE A 297 -8.39 -29.01 24.67
N TRP A 298 -7.57 -27.97 24.89
CA TRP A 298 -8.07 -26.76 25.52
C TRP A 298 -8.91 -25.94 24.55
N ARG A 299 -8.31 -25.49 23.45
CA ARG A 299 -9.08 -24.81 22.42
C ARG A 299 -9.88 -25.83 21.62
N ASP A 300 -11.10 -25.43 21.24
CA ASP A 300 -12.00 -26.34 20.53
C ASP A 300 -11.36 -26.84 19.24
N ARG A 301 -11.12 -25.94 18.30
CA ARG A 301 -10.29 -26.21 17.13
C ARG A 301 -9.45 -24.96 16.89
N LEU A 302 -8.88 -24.85 15.69
CA LEU A 302 -8.23 -23.61 15.32
C LEU A 302 -9.21 -22.44 15.36
N GLN A 303 -10.40 -22.64 14.79
CA GLN A 303 -11.31 -21.52 14.52
C GLN A 303 -11.69 -20.75 15.79
N ALA A 304 -11.91 -21.46 16.90
CA ALA A 304 -12.61 -20.90 18.04
C ALA A 304 -11.89 -19.70 18.67
N GLY A 305 -10.59 -19.59 18.49
CA GLY A 305 -9.84 -18.55 19.17
C GLY A 305 -9.40 -18.99 20.54
N ASP A 306 -9.01 -18.00 21.35
CA ASP A 306 -8.54 -18.28 22.70
C ASP A 306 -9.70 -18.71 23.58
N PRO A 307 -9.66 -19.90 24.17
CA PRO A 307 -10.71 -20.30 25.13
C PRO A 307 -10.58 -19.46 26.39
N ASP A 308 -11.62 -18.67 26.66
CA ASP A 308 -11.55 -17.71 27.76
C ASP A 308 -11.43 -18.39 29.12
N THR A 309 -11.86 -19.64 29.23
CA THR A 309 -11.85 -20.36 30.50
C THR A 309 -10.94 -21.56 30.42
N LEU A 310 -10.25 -21.83 31.53
CA LEU A 310 -9.39 -23.00 31.68
C LEU A 310 -9.84 -23.74 32.93
N LEU A 311 -10.38 -24.95 32.75
CA LEU A 311 -11.05 -25.68 33.83
C LEU A 311 -12.18 -24.85 34.43
N GLY A 312 -12.91 -24.15 33.57
CA GLY A 312 -14.02 -23.30 33.98
C GLY A 312 -13.59 -21.93 34.45
N LEU A 313 -12.44 -21.87 35.12
CA LEU A 313 -11.96 -20.60 35.65
C LEU A 313 -11.36 -19.76 34.52
N PRO A 314 -11.53 -18.44 34.57
CA PRO A 314 -10.95 -17.59 33.54
C PRO A 314 -9.43 -17.63 33.55
N VAL A 315 -8.84 -17.34 32.40
CA VAL A 315 -7.40 -17.37 32.21
C VAL A 315 -6.91 -15.95 31.95
N GLU A 316 -5.76 -15.60 32.51
CA GLU A 316 -5.14 -14.31 32.35
C GLU A 316 -3.66 -14.49 31.99
N TYR A 317 -3.11 -13.47 31.35
CA TYR A 317 -1.81 -13.57 30.71
C TYR A 317 -0.80 -12.68 31.41
N LEU A 318 0.32 -13.26 31.80
CA LEU A 318 1.44 -12.53 32.42
C LEU A 318 2.70 -12.92 31.67
N GLU A 319 3.12 -12.08 30.73
CA GLU A 319 4.29 -12.37 29.93
C GLU A 319 5.57 -12.39 30.76
N PHE A 320 5.51 -11.93 32.00
CA PHE A 320 6.66 -11.87 32.87
C PHE A 320 6.85 -13.15 33.69
N MET A 321 5.92 -14.10 33.59
CA MET A 321 6.10 -15.41 34.17
C MET A 321 7.15 -16.19 33.38
N PRO A 322 7.77 -17.20 33.99
CA PRO A 322 8.71 -18.05 33.25
C PRO A 322 8.00 -18.82 32.15
N ASP A 323 8.78 -19.22 31.16
CA ASP A 323 8.23 -19.89 29.97
C ASP A 323 7.78 -21.32 30.25
N ASN A 324 8.02 -21.85 31.44
CA ASN A 324 7.57 -23.19 31.80
C ASN A 324 7.01 -23.21 33.22
N VAL A 325 6.27 -22.16 33.57
CA VAL A 325 5.64 -22.03 34.89
C VAL A 325 4.23 -21.46 34.72
N ILE A 326 3.28 -22.03 35.46
CA ILE A 326 1.89 -21.63 35.46
C ILE A 326 1.48 -21.39 36.91
N ALA A 327 0.50 -20.52 37.14
CA ALA A 327 0.01 -20.35 38.50
C ALA A 327 -1.50 -20.18 38.48
N LEU A 328 -2.12 -20.41 39.63
CA LEU A 328 -3.58 -20.37 39.70
C LEU A 328 -4.02 -20.11 41.13
N GLY A 329 -5.01 -19.25 41.28
CA GLY A 329 -5.61 -19.07 42.59
C GLY A 329 -6.48 -17.85 42.65
N ASP A 330 -7.13 -17.68 43.81
CA ASP A 330 -7.92 -16.51 44.13
C ASP A 330 -6.98 -15.46 44.70
N PHE A 331 -6.40 -14.66 43.81
CA PHE A 331 -5.39 -13.70 44.22
C PHE A 331 -5.96 -12.59 45.09
N LYS A 332 -7.26 -12.30 44.97
CA LYS A 332 -7.88 -11.34 45.88
C LYS A 332 -7.85 -11.85 47.32
N ARG A 333 -7.83 -13.17 47.49
CA ARG A 333 -7.54 -13.80 48.78
C ARG A 333 -6.05 -14.06 48.94
N GLY A 334 -5.36 -14.35 47.85
CA GLY A 334 -4.00 -14.88 47.91
C GLY A 334 -2.86 -13.89 47.81
N TYR A 335 -3.11 -12.69 47.29
CA TYR A 335 -2.03 -11.75 47.04
C TYR A 335 -2.56 -10.33 47.18
N TYR A 336 -1.92 -9.52 48.01
CA TYR A 336 -2.33 -8.14 48.23
C TYR A 336 -1.32 -7.20 47.58
N ILE A 337 -1.73 -6.55 46.49
CA ILE A 337 -0.95 -5.45 45.93
C ILE A 337 -1.24 -4.21 46.76
N VAL A 338 -0.21 -3.40 47.01
CA VAL A 338 -0.32 -2.25 47.90
C VAL A 338 0.20 -1.02 47.18
N ASP A 339 -0.60 0.04 47.19
CA ASP A 339 -0.28 1.35 46.64
C ASP A 339 -0.34 2.37 47.78
N HIS A 340 0.24 3.54 47.51
CA HIS A 340 0.19 4.65 48.45
C HIS A 340 -0.94 5.59 48.06
N GLU A 341 -1.34 6.42 49.03
CA GLU A 341 -2.43 7.37 48.79
C GLU A 341 -2.05 8.38 47.70
N THR A 342 -0.79 8.83 47.69
CA THR A 342 -0.34 9.72 46.63
C THR A 342 -0.31 9.02 45.28
N GLY A 343 0.26 7.81 45.25
CA GLY A 343 0.32 7.06 44.00
C GLY A 343 1.47 7.53 43.14
N VAL A 344 1.22 7.62 41.84
CA VAL A 344 2.24 8.07 40.89
C VAL A 344 2.44 9.56 41.04
N ARG A 345 3.69 9.98 41.21
CA ARG A 345 4.03 11.40 41.28
C ARG A 345 5.18 11.67 40.33
N THR A 346 4.97 12.62 39.42
CA THR A 346 5.93 12.96 38.38
C THR A 346 6.45 14.37 38.64
N ARG A 347 7.70 14.47 39.07
CA ARG A 347 8.35 15.76 39.27
C ARG A 347 9.44 15.95 38.22
N PRO A 348 9.30 16.92 37.32
CA PRO A 348 10.31 17.11 36.26
C PRO A 348 11.48 17.96 36.73
N ASP A 349 12.45 17.35 37.41
CA ASP A 349 13.59 18.10 37.92
C ASP A 349 14.44 18.59 36.75
N ASN A 350 14.38 19.89 36.49
CA ASN A 350 15.16 20.49 35.41
C ASN A 350 16.14 21.52 35.94
N LEU A 351 16.55 21.37 37.20
CA LEU A 351 17.40 22.35 37.85
C LEU A 351 18.76 21.78 38.24
N THR A 352 18.80 20.61 38.89
CA THR A 352 20.04 20.08 39.43
C THR A 352 21.10 19.90 38.34
N GLU A 353 20.72 19.28 37.23
CA GLU A 353 21.58 19.19 36.06
C GLU A 353 20.98 20.04 34.96
N PRO A 354 21.39 21.30 34.82
CA PRO A 354 20.81 22.16 33.79
C PRO A 354 21.18 21.69 32.40
N GLY A 355 20.32 22.02 31.44
CA GLY A 355 20.38 21.42 30.14
C GLY A 355 19.75 20.04 30.07
N PHE A 356 19.22 19.55 31.19
CA PHE A 356 18.54 18.27 31.26
C PHE A 356 17.24 18.43 32.01
N ILE A 357 16.25 17.65 31.61
CA ILE A 357 15.08 17.38 32.41
C ILE A 357 15.17 15.93 32.85
N LYS A 358 15.30 15.72 34.15
CA LYS A 358 15.24 14.38 34.75
C LYS A 358 13.83 14.25 35.30
N ILE A 359 13.01 13.49 34.59
CA ILE A 359 11.59 13.36 34.94
C ILE A 359 11.48 12.28 35.99
N PHE A 360 11.59 12.67 37.26
CA PHE A 360 11.54 11.71 38.36
C PHE A 360 10.08 11.29 38.56
N THR A 361 9.75 10.11 38.07
CA THR A 361 8.42 9.54 38.28
C THR A 361 8.54 8.44 39.32
N GLN A 362 7.72 8.51 40.36
CA GLN A 362 7.84 7.57 41.45
C GLN A 362 6.47 7.04 41.85
N LYS A 363 6.44 5.74 42.18
CA LYS A 363 5.25 5.07 42.64
C LYS A 363 5.67 4.07 43.71
N TYR A 364 5.11 4.19 44.91
CA TYR A 364 5.38 3.24 45.98
C TYR A 364 4.53 1.99 45.76
N LEU A 365 5.17 0.88 45.43
CA LEU A 365 4.51 -0.37 45.12
C LEU A 365 4.92 -1.45 46.09
N GLY A 366 3.96 -2.30 46.46
CA GLY A 366 4.26 -3.42 47.34
C GLY A 366 3.44 -4.63 46.97
N GLY A 367 3.95 -5.80 47.33
CA GLY A 367 3.27 -7.04 47.06
C GLY A 367 3.59 -8.15 48.03
N GLY A 368 2.55 -8.85 48.49
CA GLY A 368 2.73 -9.91 49.47
C GLY A 368 1.75 -11.03 49.26
N VAL A 369 2.21 -12.25 49.54
CA VAL A 369 1.39 -13.45 49.44
C VAL A 369 0.64 -13.65 50.76
N VAL A 370 -0.58 -13.12 50.83
CA VAL A 370 -1.43 -13.28 51.99
C VAL A 370 -2.30 -14.51 51.79
N ASP A 371 -2.38 -15.37 52.80
CA ASP A 371 -3.15 -16.60 52.69
C ASP A 371 -2.65 -17.42 51.50
N SER A 372 -1.44 -17.96 51.63
CA SER A 372 -0.83 -18.70 50.52
C SER A 372 -1.68 -19.88 50.08
N ASN A 373 -2.56 -20.38 50.95
CA ASN A 373 -3.43 -21.49 50.58
C ASN A 373 -4.36 -21.12 49.42
N ALA A 374 -4.52 -19.83 49.15
CA ALA A 374 -5.35 -19.37 48.03
C ALA A 374 -4.64 -19.40 46.69
N ILE A 375 -3.33 -19.66 46.66
CA ILE A 375 -2.55 -19.65 45.43
C ILE A 375 -1.78 -20.96 45.31
N LYS A 376 -1.63 -21.44 44.08
CA LYS A 376 -0.93 -22.67 43.78
C LYS A 376 -0.04 -22.43 42.57
N ILE A 377 1.09 -23.13 42.53
CA ILE A 377 2.09 -22.97 41.48
C ILE A 377 2.29 -24.30 40.77
N LEU A 378 2.69 -24.24 39.50
CA LEU A 378 2.87 -25.44 38.69
C LEU A 378 4.09 -25.23 37.80
N GLU A 379 5.20 -25.90 38.12
CA GLU A 379 6.41 -25.80 37.32
C GLU A 379 6.38 -26.90 36.25
N LEU A 380 6.29 -26.50 34.99
CA LEU A 380 6.27 -27.47 33.91
C LEU A 380 7.63 -28.15 33.77
N PRO A 381 7.65 -29.40 33.30
CA PRO A 381 8.93 -30.13 33.22
C PRO A 381 9.92 -29.54 32.23
N GLN A 382 9.48 -28.68 31.31
CA GLN A 382 10.32 -28.02 30.31
C GLN A 382 10.90 -29.00 29.29
N ASP A 383 10.54 -30.27 29.38
CA ASP A 383 11.04 -31.33 28.51
C ASP A 383 12.55 -31.45 28.61
N SER B 93 -30.88 -18.79 -49.86
CA SER B 93 -30.97 -17.74 -48.85
C SER B 93 -30.61 -18.30 -47.48
N THR B 94 -29.31 -18.41 -47.21
CA THR B 94 -28.81 -19.08 -46.02
C THR B 94 -27.87 -18.14 -45.28
N GLY B 95 -27.23 -18.65 -44.24
CA GLY B 95 -26.31 -17.87 -43.42
C GLY B 95 -25.00 -17.60 -44.13
N VAL B 96 -24.87 -18.13 -45.34
CA VAL B 96 -23.80 -17.68 -46.23
C VAL B 96 -23.92 -16.17 -46.40
N PRO B 97 -22.82 -15.42 -46.30
CA PRO B 97 -22.94 -13.95 -46.31
C PRO B 97 -23.76 -13.39 -47.47
N ALA B 98 -23.43 -13.73 -48.71
CA ALA B 98 -24.12 -13.20 -49.87
C ALA B 98 -25.57 -13.67 -49.98
N ASP B 99 -25.96 -14.71 -49.25
CA ASP B 99 -27.32 -15.24 -49.31
C ASP B 99 -28.20 -14.76 -48.17
N GLY B 100 -27.72 -13.84 -47.35
CA GLY B 100 -28.45 -13.40 -46.17
C GLY B 100 -27.69 -13.54 -44.87
N GLY B 101 -26.48 -14.09 -44.89
CA GLY B 101 -25.65 -14.12 -43.70
C GLY B 101 -25.11 -12.78 -43.28
N TYR B 102 -25.33 -11.74 -44.09
CA TYR B 102 -24.98 -10.39 -43.67
C TYR B 102 -26.00 -9.82 -42.69
N THR B 103 -27.27 -10.16 -42.87
CA THR B 103 -28.34 -9.54 -42.10
C THR B 103 -28.37 -9.98 -40.65
N VAL B 104 -27.70 -11.09 -40.31
CA VAL B 104 -27.79 -11.63 -38.96
C VAL B 104 -26.91 -10.83 -38.01
N ILE B 105 -27.53 -10.00 -37.18
CA ILE B 105 -26.80 -9.25 -36.14
C ILE B 105 -26.41 -10.21 -35.03
N PRO B 106 -25.12 -10.39 -34.75
CA PRO B 106 -24.71 -11.33 -33.71
C PRO B 106 -25.01 -10.87 -32.29
N GLU B 107 -25.59 -9.67 -32.13
CA GLU B 107 -25.93 -9.12 -30.81
C GLU B 107 -24.71 -9.13 -29.89
N LEU B 108 -23.66 -8.46 -30.35
CA LEU B 108 -22.43 -8.33 -29.57
C LEU B 108 -22.70 -7.47 -28.34
N ASN B 109 -22.66 -8.10 -27.16
CA ASN B 109 -22.89 -7.39 -25.91
C ASN B 109 -21.83 -6.32 -25.71
N THR B 110 -22.24 -5.06 -25.76
CA THR B 110 -21.27 -3.95 -25.75
C THR B 110 -20.50 -3.90 -24.44
N GLU B 111 -21.21 -3.97 -23.31
CA GLU B 111 -20.57 -3.84 -22.02
C GLU B 111 -19.65 -5.02 -21.75
N ILE B 112 -18.36 -4.74 -21.58
CA ILE B 112 -17.35 -5.77 -21.42
C ILE B 112 -17.47 -6.39 -20.04
N MET B 113 -17.39 -7.71 -19.97
CA MET B 113 -17.42 -8.41 -18.69
C MET B 113 -16.07 -8.24 -18.01
N ARG B 114 -16.04 -7.46 -16.94
CA ARG B 114 -14.81 -7.15 -16.23
C ARG B 114 -14.34 -8.37 -15.45
N MET B 115 -13.03 -8.58 -15.43
CA MET B 115 -12.46 -9.64 -14.61
C MET B 115 -12.77 -9.37 -13.15
N LEU B 116 -13.48 -10.30 -12.51
CA LEU B 116 -13.99 -10.10 -11.16
C LEU B 116 -12.85 -10.31 -10.16
N THR B 117 -12.02 -9.28 -10.04
CA THR B 117 -10.81 -9.33 -9.22
C THR B 117 -11.12 -8.95 -7.77
N ASP B 118 -10.10 -9.03 -6.92
CA ASP B 118 -10.24 -8.72 -5.51
C ASP B 118 -10.51 -7.22 -5.32
N GLU B 119 -10.96 -6.88 -4.10
CA GLU B 119 -11.30 -5.51 -3.74
C GLU B 119 -10.17 -4.81 -2.99
N SER B 120 -8.93 -5.26 -3.18
CA SER B 120 -7.75 -4.73 -2.50
C SER B 120 -7.92 -4.82 -0.98
N THR B 121 -8.00 -6.07 -0.51
CA THR B 121 -8.09 -6.31 0.92
C THR B 121 -6.80 -5.92 1.65
N MET B 122 -5.70 -5.73 0.92
CA MET B 122 -4.46 -5.28 1.53
C MET B 122 -4.64 -3.95 2.25
N ARG B 123 -5.26 -2.98 1.60
CA ARG B 123 -5.44 -1.68 2.21
C ARG B 123 -6.58 -1.67 3.22
N ARG B 124 -7.47 -2.65 3.18
CA ARG B 124 -8.47 -2.80 4.23
C ARG B 124 -7.85 -3.35 5.50
N ILE B 125 -6.91 -4.29 5.37
CA ILE B 125 -6.25 -4.88 6.54
C ILE B 125 -5.29 -3.87 7.16
N CYS B 126 -4.31 -3.42 6.38
CA CYS B 126 -3.30 -2.49 6.88
C CYS B 126 -3.86 -1.07 6.92
N THR B 127 -3.15 -0.22 7.66
CA THR B 127 -3.50 1.19 7.71
C THR B 127 -2.86 1.94 6.55
N VAL B 128 -3.54 3.01 6.14
CA VAL B 128 -3.12 3.84 5.00
C VAL B 128 -2.93 5.26 5.51
N LYS B 129 -1.81 5.87 5.14
CA LYS B 129 -1.46 7.23 5.54
C LYS B 129 -1.28 8.08 4.30
N LYS B 130 -1.94 9.24 4.28
CA LYS B 130 -1.90 10.14 3.14
C LYS B 130 -0.92 11.28 3.44
N ILE B 131 0.21 11.29 2.74
CA ILE B 131 1.30 12.22 3.04
C ILE B 131 1.60 13.04 1.79
N SER B 132 2.59 13.92 1.92
CA SER B 132 3.02 14.83 0.86
C SER B 132 4.55 14.82 0.75
N SER B 133 5.15 13.64 0.76
CA SER B 133 6.59 13.50 0.65
C SER B 133 6.92 12.13 0.08
N ASN B 134 8.18 11.97 -0.34
CA ASN B 134 8.63 10.69 -0.89
C ASN B 134 8.84 9.64 0.19
N GLU B 135 9.03 10.06 1.43
CA GLU B 135 9.35 9.14 2.52
C GLU B 135 8.45 9.42 3.71
N PHE B 136 8.03 8.34 4.36
CA PHE B 136 7.31 8.41 5.64
C PHE B 136 8.24 7.82 6.69
N LYS B 137 8.62 8.64 7.66
CA LYS B 137 9.46 8.20 8.77
C LYS B 137 8.59 8.04 10.02
N GLN B 138 8.02 6.85 10.15
CA GLN B 138 7.23 6.51 11.32
C GLN B 138 8.15 6.11 12.46
N LEU B 139 7.85 6.62 13.65
CA LEU B 139 8.66 6.36 14.84
C LEU B 139 7.99 5.29 15.69
N VAL B 140 8.77 4.30 16.11
CA VAL B 140 8.29 3.17 16.89
C VAL B 140 9.10 3.08 18.17
N SER B 141 8.41 2.97 19.30
CA SER B 141 9.11 2.71 20.56
C SER B 141 9.69 1.31 20.55
N ALA B 142 10.94 1.18 20.95
CA ALA B 142 11.61 -0.13 21.04
C ALA B 142 11.70 -0.63 22.46
N GLY B 143 11.12 0.07 23.42
CA GLY B 143 11.25 -0.34 24.81
C GLY B 143 12.65 -0.07 25.35
N GLY B 144 13.05 -0.90 26.31
CA GLY B 144 14.34 -0.75 26.94
C GLY B 144 14.41 0.25 28.06
N ALA B 145 13.27 0.81 28.49
CA ALA B 145 13.24 1.73 29.62
C ALA B 145 13.12 0.93 30.91
N THR B 146 14.27 0.44 31.38
CA THR B 146 14.30 -0.36 32.60
C THR B 146 13.88 0.50 33.80
N VAL B 147 13.18 -0.12 34.73
CA VAL B 147 12.77 0.54 35.95
C VAL B 147 13.54 -0.06 37.12
N ASN B 148 14.61 0.61 37.54
CA ASN B 148 15.50 0.07 38.56
C ASN B 148 14.89 0.29 39.93
N HIS B 149 14.41 -0.79 40.55
CA HIS B 149 14.01 -0.74 41.95
C HIS B 149 15.21 -0.50 42.86
N GLY B 150 16.28 -1.26 42.67
CA GLY B 150 17.53 -1.18 43.39
C GLY B 150 17.35 -1.13 44.90
N GLU B 151 18.25 -0.41 45.56
CA GLU B 151 18.18 -0.22 47.00
C GLU B 151 17.24 0.94 47.33
N GLU B 152 16.33 0.70 48.27
CA GLU B 152 15.37 1.72 48.67
C GLU B 152 16.06 2.85 49.42
N GLY B 153 16.93 2.52 50.37
CA GLY B 153 17.64 3.52 51.14
C GLY B 153 18.99 3.86 50.56
N LYS B 154 19.00 4.41 49.36
CA LYS B 154 20.24 4.78 48.68
C LYS B 154 19.91 5.80 47.60
N THR B 155 20.94 6.52 47.16
CA THR B 155 20.78 7.41 46.01
C THR B 155 20.31 6.60 44.81
N ARG B 156 19.29 7.13 44.12
CA ARG B 156 18.63 6.39 43.06
C ARG B 156 19.44 6.47 41.78
N GLU B 157 19.67 5.32 41.15
CA GLU B 157 20.55 5.22 39.99
C GLU B 157 19.86 5.76 38.74
N GLN B 158 20.69 6.08 37.74
CA GLN B 158 20.21 6.66 36.49
C GLN B 158 19.80 5.52 35.55
N THR B 159 18.49 5.36 35.35
CA THR B 159 17.96 4.26 34.56
C THR B 159 18.10 4.56 33.07
N SER B 160 18.23 3.48 32.29
CA SER B 160 18.38 3.63 30.85
C SER B 160 17.07 4.12 30.23
N THR B 161 17.19 5.01 29.25
CA THR B 161 16.05 5.60 28.58
C THR B 161 15.47 4.65 27.54
N PRO B 162 14.18 4.80 27.21
CA PRO B 162 13.58 3.93 26.18
C PRO B 162 14.17 4.23 24.80
N GLN B 163 14.38 3.17 24.03
CA GLN B 163 14.95 3.31 22.70
C GLN B 163 13.86 3.62 21.67
N ILE B 164 14.28 4.23 20.56
CA ILE B 164 13.37 4.59 19.49
C ILE B 164 13.95 4.08 18.17
N ASN B 165 13.08 3.54 17.32
CA ASN B 165 13.45 3.13 15.97
C ASN B 165 12.62 3.90 14.96
N GLU B 166 13.15 3.99 13.74
CA GLU B 166 12.51 4.74 12.66
C GLU B 166 12.36 3.83 11.46
N VAL B 167 11.20 3.91 10.80
CA VAL B 167 10.90 3.10 9.63
C VAL B 167 10.89 4.03 8.42
N SER B 168 11.78 3.76 7.46
CA SER B 168 11.91 4.58 6.26
C SER B 168 11.05 3.98 5.16
N ILE B 169 9.78 4.39 5.11
CA ILE B 169 8.85 3.89 4.10
C ILE B 169 8.98 4.81 2.89
N LYS B 170 9.68 4.35 1.86
CA LYS B 170 9.90 5.15 0.67
C LYS B 170 8.77 4.94 -0.33
N LEU B 171 8.28 6.04 -0.89
CA LEU B 171 7.25 5.98 -1.92
C LEU B 171 7.88 5.79 -3.29
N TYR B 172 7.19 5.01 -4.14
CA TYR B 172 7.64 4.75 -5.48
C TYR B 172 6.43 4.69 -6.38
N PRO B 173 6.55 5.10 -7.65
CA PRO B 173 5.36 5.21 -8.52
C PRO B 173 5.05 3.87 -9.17
N VAL B 174 3.81 3.41 -9.00
CA VAL B 174 3.24 2.36 -9.84
C VAL B 174 2.45 3.08 -10.94
N TYR B 175 2.85 2.86 -12.19
CA TYR B 175 2.33 3.64 -13.30
C TYR B 175 1.90 2.73 -14.44
N ALA B 176 0.85 3.15 -15.13
CA ALA B 176 0.36 2.50 -16.33
C ALA B 176 0.30 3.53 -17.45
N TYR B 177 0.82 3.14 -18.62
CA TYR B 177 0.94 4.03 -19.77
C TYR B 177 0.44 3.33 -21.03
N PRO B 178 -0.85 3.00 -21.10
CA PRO B 178 -1.39 2.42 -22.35
C PRO B 178 -1.54 3.49 -23.43
N ARG B 179 -0.90 3.22 -24.57
CA ARG B 179 -0.99 4.09 -25.74
C ARG B 179 -2.19 3.65 -26.57
N THR B 180 -3.38 3.98 -26.08
CA THR B 180 -4.60 3.72 -26.82
C THR B 180 -4.64 4.58 -28.08
N THR B 181 -5.22 4.04 -29.14
CA THR B 181 -5.45 4.82 -30.35
C THR B 181 -6.76 5.58 -30.24
N GLN B 182 -6.76 6.84 -30.69
CA GLN B 182 -7.97 7.66 -30.64
C GLN B 182 -9.11 7.02 -31.41
N GLU B 183 -8.77 6.23 -32.44
CA GLU B 183 -9.76 5.51 -33.24
C GLU B 183 -10.70 4.70 -32.36
N ILE B 184 -10.12 3.87 -31.48
CA ILE B 184 -10.93 2.99 -30.67
C ILE B 184 -11.81 3.80 -29.72
N VAL B 185 -11.28 4.89 -29.18
CA VAL B 185 -12.06 5.75 -28.30
C VAL B 185 -13.30 6.27 -29.01
N ASP B 186 -13.13 6.73 -30.25
CA ASP B 186 -14.29 7.23 -30.98
C ASP B 186 -15.21 6.10 -31.44
N PHE B 187 -14.63 5.02 -31.94
CA PHE B 187 -15.38 3.99 -32.64
C PHE B 187 -16.09 3.04 -31.68
N SER B 188 -15.57 2.87 -30.48
CA SER B 188 -16.23 2.01 -29.50
C SER B 188 -17.47 2.70 -28.95
N ASP B 189 -18.52 1.91 -28.76
CA ASP B 189 -19.76 2.40 -28.14
C ASP B 189 -19.96 1.79 -26.77
N VAL B 190 -18.85 1.52 -26.08
CA VAL B 190 -18.87 1.09 -24.69
C VAL B 190 -18.10 2.04 -23.78
N ASP B 191 -17.61 3.16 -24.33
CA ASP B 191 -16.71 4.07 -23.63
C ASP B 191 -15.44 3.31 -23.23
N ILE B 192 -14.65 2.93 -24.23
CA ILE B 192 -13.49 2.07 -24.01
C ILE B 192 -12.49 2.68 -23.04
N LEU B 193 -12.47 4.02 -22.91
CA LEU B 193 -11.55 4.63 -21.96
C LEU B 193 -11.95 4.37 -20.52
N SER B 194 -13.25 4.40 -20.22
CA SER B 194 -13.70 4.06 -18.88
C SER B 194 -13.34 2.62 -18.54
N TRP B 195 -13.54 1.71 -19.49
CA TRP B 195 -13.14 0.32 -19.29
C TRP B 195 -11.64 0.20 -19.11
N LEU B 196 -10.85 0.95 -19.88
CA LEU B 196 -9.40 0.88 -19.76
C LEU B 196 -8.95 1.39 -18.40
N THR B 197 -9.53 2.50 -17.94
CA THR B 197 -9.18 3.03 -16.61
C THR B 197 -9.60 2.07 -15.51
N GLY B 198 -10.75 1.40 -15.67
CA GLY B 198 -11.13 0.39 -14.69
C GLY B 198 -10.17 -0.79 -14.68
N GLU B 199 -9.73 -1.24 -15.86
CA GLU B 199 -8.76 -2.31 -15.93
C GLU B 199 -7.44 -1.90 -15.30
N ILE B 200 -7.02 -0.65 -15.55
CA ILE B 200 -5.79 -0.14 -14.94
C ILE B 200 -5.94 -0.06 -13.43
N GLY B 201 -7.13 0.30 -12.94
CA GLY B 201 -7.36 0.30 -11.50
C GLY B 201 -7.32 -1.09 -10.90
N ASP B 202 -7.89 -2.08 -11.60
CA ASP B 202 -7.82 -3.45 -11.13
C ASP B 202 -6.37 -3.95 -11.10
N THR B 203 -5.62 -3.68 -12.15
CA THR B 203 -4.21 -4.07 -12.17
C THR B 203 -3.40 -3.27 -11.16
N PHE B 204 -3.84 -2.05 -10.83
CA PHE B 204 -3.18 -1.28 -9.79
C PHE B 204 -3.42 -1.90 -8.42
N THR B 205 -4.64 -2.36 -8.16
CA THR B 205 -4.89 -3.09 -6.93
C THR B 205 -4.06 -4.38 -6.88
N GLU B 206 -3.97 -5.08 -8.00
CA GLU B 206 -3.18 -6.31 -8.05
C GLU B 206 -1.70 -6.03 -7.78
N THR B 207 -1.14 -5.01 -8.45
CA THR B 207 0.26 -4.67 -8.27
C THR B 207 0.52 -4.08 -6.88
N GLU B 208 -0.46 -3.37 -6.33
CA GLU B 208 -0.36 -2.88 -4.96
C GLU B 208 -0.25 -4.04 -3.99
N GLU B 209 -1.10 -5.05 -4.15
CA GLU B 209 -1.00 -6.24 -3.31
C GLU B 209 0.33 -6.94 -3.51
N SER B 210 0.77 -7.05 -4.77
CA SER B 210 2.03 -7.74 -5.06
C SER B 210 3.21 -7.03 -4.39
N ASP B 211 3.26 -5.71 -4.46
CA ASP B 211 4.35 -4.96 -3.85
C ASP B 211 4.27 -5.01 -2.33
N LEU B 212 3.08 -4.76 -1.77
CA LEU B 212 2.92 -4.74 -0.33
C LEU B 212 3.02 -6.13 0.30
N VAL B 213 3.04 -7.19 -0.50
CA VAL B 213 3.24 -8.53 0.02
C VAL B 213 4.68 -8.98 -0.19
N VAL B 214 5.10 -9.07 -1.46
CA VAL B 214 6.41 -9.63 -1.78
C VAL B 214 7.24 -8.65 -2.60
N GLY B 215 7.02 -7.35 -2.40
CA GLY B 215 7.82 -6.35 -3.06
C GLY B 215 9.25 -6.35 -2.55
N ASP B 216 10.21 -6.59 -3.44
CA ASP B 216 11.60 -6.75 -3.02
C ASP B 216 12.14 -5.48 -2.35
N GLY B 217 11.81 -4.33 -2.92
CA GLY B 217 12.25 -3.08 -2.32
C GLY B 217 12.96 -2.16 -3.29
N ASP B 218 13.40 -2.70 -4.42
CA ASP B 218 14.12 -1.89 -5.40
C ASP B 218 13.15 -0.94 -6.09
N LYS B 219 13.01 0.26 -5.52
CA LYS B 219 12.05 1.26 -5.98
C LYS B 219 10.66 0.67 -6.12
N LYS B 220 10.23 0.01 -5.04
CA LYS B 220 8.87 -0.46 -4.86
C LYS B 220 8.63 -0.61 -3.37
N ALA B 221 7.37 -0.71 -3.00
CA ALA B 221 7.02 -0.88 -1.59
C ALA B 221 7.54 -2.23 -1.08
N LYS B 222 8.37 -2.19 -0.04
CA LYS B 222 8.94 -3.41 0.52
C LYS B 222 7.85 -4.14 1.30
N GLY B 223 7.34 -5.22 0.72
CA GLY B 223 6.34 -6.00 1.40
C GLY B 223 6.89 -6.63 2.67
N PHE B 224 5.98 -6.91 3.61
CA PHE B 224 6.40 -7.42 4.91
C PHE B 224 7.09 -8.78 4.79
N LEU B 225 6.76 -9.55 3.75
CA LEU B 225 7.43 -10.83 3.55
C LEU B 225 8.85 -10.66 3.02
N SER B 226 9.12 -9.58 2.28
CA SER B 226 10.46 -9.34 1.77
C SER B 226 11.42 -8.90 2.87
N VAL B 227 10.89 -8.31 3.94
CA VAL B 227 11.72 -7.86 5.06
C VAL B 227 12.41 -9.06 5.69
N PRO B 228 13.68 -8.97 6.09
CA PRO B 228 14.39 -10.13 6.62
C PRO B 228 13.70 -10.73 7.85
N ARG B 229 13.89 -12.03 8.03
CA ARG B 229 13.15 -12.82 9.00
C ARG B 229 14.12 -13.47 9.99
N ALA B 230 13.58 -13.83 11.16
CA ALA B 230 14.37 -14.51 12.18
C ALA B 230 13.44 -15.32 13.06
N GLU B 231 14.00 -16.36 13.68
CA GLU B 231 13.25 -17.22 14.58
C GLU B 231 13.31 -16.75 16.04
N LYS B 232 13.95 -15.63 16.29
CA LYS B 232 14.11 -15.10 17.64
C LYS B 232 12.81 -14.44 18.11
N ASN B 233 12.73 -14.20 19.42
CA ASN B 233 11.54 -13.62 20.02
C ASN B 233 11.57 -12.09 19.91
N ASP B 234 10.54 -11.44 20.44
CA ASP B 234 10.42 -9.99 20.31
C ASP B 234 11.59 -9.27 20.97
N LYS B 235 12.00 -9.73 22.16
CA LYS B 235 13.07 -9.06 22.88
C LYS B 235 14.43 -9.27 22.22
N GLU B 236 14.62 -10.43 21.57
CA GLU B 236 15.92 -10.77 21.00
C GLU B 236 16.07 -10.21 19.58
N ARG B 237 14.97 -10.13 18.83
CA ARG B 237 15.05 -9.77 17.43
C ARG B 237 15.52 -8.33 17.23
N ASP B 238 16.25 -8.13 16.14
CA ASP B 238 16.47 -6.78 15.65
C ASP B 238 15.14 -6.18 15.20
N PHE B 239 14.98 -4.88 15.43
CA PHE B 239 13.71 -4.24 15.08
C PHE B 239 13.42 -4.35 13.58
N GLY B 240 14.47 -4.40 12.76
CA GLY B 240 14.25 -4.53 11.34
C GLY B 240 13.60 -5.84 10.93
N THR B 241 13.91 -6.92 11.65
CA THR B 241 13.51 -8.27 11.25
C THR B 241 12.16 -8.64 11.85
N LEU B 242 11.38 -9.42 11.08
CA LEU B 242 10.14 -10.00 11.55
C LEU B 242 10.40 -11.40 12.11
N GLN B 243 9.54 -11.82 13.04
CA GLN B 243 9.63 -13.16 13.60
C GLN B 243 9.02 -14.17 12.63
N VAL B 244 9.70 -15.29 12.45
CA VAL B 244 9.26 -16.34 11.55
C VAL B 244 9.33 -17.68 12.28
N ILE B 245 8.35 -18.54 12.00
CA ILE B 245 8.27 -19.89 12.54
C ILE B 245 8.60 -20.85 11.40
N LYS B 246 9.55 -21.76 11.64
CA LYS B 246 10.06 -22.68 10.62
C LYS B 246 9.89 -24.11 11.12
N PRO B 247 8.69 -24.67 11.01
CA PRO B 247 8.48 -26.06 11.42
C PRO B 247 9.05 -27.04 10.40
N SER B 248 9.26 -28.27 10.88
CA SER B 248 9.77 -29.34 10.02
C SER B 248 9.44 -30.71 10.60
N SER B 255 1.20 -31.21 10.43
CA SER B 255 0.39 -30.89 11.59
C SER B 255 0.02 -29.41 11.62
N ALA B 256 -0.97 -29.05 12.43
CA ALA B 256 -1.46 -27.69 12.54
C ALA B 256 -0.91 -26.97 13.77
N ASP B 257 0.11 -27.53 14.42
CA ASP B 257 0.68 -26.91 15.61
C ASP B 257 1.23 -25.51 15.35
N PRO B 258 2.08 -25.26 14.34
CA PRO B 258 2.84 -24.00 14.31
C PRO B 258 1.96 -22.76 14.33
N LEU B 259 0.77 -22.83 13.73
CA LEU B 259 -0.13 -21.68 13.72
C LEU B 259 -0.34 -21.13 15.13
N ILE B 260 -0.61 -22.00 16.10
CA ILE B 260 -0.81 -21.51 17.46
C ILE B 260 0.44 -20.79 17.95
N ASP B 261 1.62 -21.40 17.74
CA ASP B 261 2.86 -20.71 18.08
C ASP B 261 2.87 -19.33 17.47
N LEU B 262 2.52 -19.23 16.19
CA LEU B 262 2.53 -17.96 15.49
C LEU B 262 1.64 -16.95 16.21
N LYS B 263 0.41 -17.38 16.57
CA LYS B 263 -0.51 -16.46 17.22
C LYS B 263 0.05 -15.99 18.55
N PHE B 264 0.75 -16.85 19.27
CA PHE B 264 1.30 -16.46 20.56
C PHE B 264 2.69 -15.86 20.43
N ALA B 265 3.22 -15.77 19.21
CA ALA B 265 4.38 -14.91 18.99
C ALA B 265 4.00 -13.45 19.13
N LEU B 266 2.75 -13.12 18.78
CA LEU B 266 2.22 -11.78 18.99
C LEU B 266 2.04 -11.50 20.48
N ARG B 267 2.04 -10.22 20.82
CA ARG B 267 1.71 -9.80 22.17
C ARG B 267 0.20 -9.87 22.39
N LYS B 268 -0.19 -9.86 23.66
CA LYS B 268 -1.61 -9.97 24.00
C LYS B 268 -2.43 -8.87 23.34
N LYS B 269 -1.87 -7.67 23.22
CA LYS B 269 -2.62 -6.54 22.70
C LYS B 269 -2.79 -6.62 21.18
N TYR B 270 -1.82 -7.23 20.48
CA TYR B 270 -1.93 -7.34 19.03
C TYR B 270 -3.02 -8.33 18.63
N ARG B 271 -3.27 -9.34 19.47
CA ARG B 271 -4.24 -10.37 19.13
C ARG B 271 -5.65 -9.82 19.04
N LYS B 272 -5.94 -8.71 19.72
CA LYS B 272 -7.27 -8.12 19.69
C LYS B 272 -7.64 -7.69 18.27
N ASN B 273 -6.72 -7.05 17.57
CA ASN B 273 -6.95 -6.56 16.22
C ASN B 273 -6.02 -7.24 15.22
N ALA B 274 -5.72 -8.52 15.46
CA ALA B 274 -4.86 -9.28 14.59
C ALA B 274 -5.65 -9.89 13.44
N VAL B 275 -5.00 -9.95 12.27
CA VAL B 275 -5.62 -10.46 11.05
C VAL B 275 -4.63 -11.43 10.40
N TRP B 276 -5.16 -12.56 9.92
CA TRP B 276 -4.36 -13.51 9.17
C TRP B 276 -4.34 -13.13 7.69
N VAL B 277 -3.17 -13.21 7.08
CA VAL B 277 -3.02 -13.06 5.63
C VAL B 277 -2.50 -14.38 5.07
N VAL B 278 -3.28 -14.97 4.16
CA VAL B 278 -3.03 -16.33 3.70
C VAL B 278 -3.18 -16.35 2.17
N ASN B 279 -2.23 -17.00 1.50
CA ASN B 279 -2.34 -17.19 0.06
C ASN B 279 -3.44 -18.21 -0.25
N SER B 280 -3.96 -18.15 -1.47
CA SER B 280 -4.99 -19.09 -1.88
C SER B 280 -4.48 -20.53 -1.81
N THR B 281 -3.26 -20.77 -2.30
CA THR B 281 -2.66 -22.09 -2.17
C THR B 281 -2.42 -22.45 -0.70
N THR B 282 -1.93 -21.49 0.10
CA THR B 282 -1.70 -21.79 1.51
C THR B 282 -3.00 -21.92 2.28
N ALA B 283 -4.05 -21.19 1.91
CA ALA B 283 -5.35 -21.39 2.53
C ALA B 283 -5.90 -22.78 2.19
N ALA B 284 -5.74 -23.19 0.93
CA ALA B 284 -6.12 -24.55 0.56
C ALA B 284 -5.33 -25.57 1.35
N LYS B 285 -4.04 -25.31 1.59
CA LYS B 285 -3.22 -26.21 2.37
C LYS B 285 -3.70 -26.28 3.82
N LEU B 286 -3.98 -25.13 4.42
CA LEU B 286 -4.45 -25.09 5.80
C LEU B 286 -5.76 -25.85 5.96
N GLN B 287 -6.69 -25.63 5.03
CA GLN B 287 -7.92 -26.42 5.05
C GLN B 287 -7.62 -27.89 4.80
N LYS B 288 -6.57 -28.19 4.03
CA LYS B 288 -6.16 -29.56 3.75
C LYS B 288 -5.31 -30.17 4.86
N VAL B 289 -4.74 -29.37 5.75
CA VAL B 289 -4.01 -29.91 6.88
C VAL B 289 -4.99 -30.71 7.72
N LYS B 290 -4.81 -32.02 7.74
CA LYS B 290 -5.78 -32.92 8.35
C LYS B 290 -5.30 -33.37 9.73
N ASN B 291 -6.26 -33.56 10.63
CA ASN B 291 -6.04 -34.33 11.83
C ASN B 291 -5.36 -35.66 11.47
N ALA B 292 -4.55 -36.18 12.40
CA ALA B 292 -4.01 -37.52 12.18
C ALA B 292 -5.14 -38.55 12.14
N ASN B 293 -6.29 -38.23 12.74
CA ASN B 293 -7.50 -38.97 12.42
C ASN B 293 -7.80 -38.88 10.93
N GLY B 294 -7.57 -37.72 10.33
CA GLY B 294 -7.80 -37.49 8.91
C GLY B 294 -8.85 -36.45 8.61
N ASP B 295 -9.75 -36.15 9.56
CA ASP B 295 -10.72 -35.09 9.36
C ASP B 295 -10.04 -33.74 9.46
N TYR B 296 -10.63 -32.74 8.80
CA TYR B 296 -9.98 -31.44 8.69
C TYR B 296 -10.03 -30.69 10.01
N ILE B 297 -8.89 -30.13 10.41
CA ILE B 297 -8.78 -29.49 11.73
C ILE B 297 -9.19 -28.03 11.69
N TRP B 298 -8.87 -27.30 10.61
CA TRP B 298 -9.29 -25.90 10.53
C TRP B 298 -10.76 -25.79 10.18
N ARG B 299 -11.12 -26.21 8.97
CA ARG B 299 -12.51 -26.08 8.55
C ARG B 299 -13.39 -27.07 9.30
N ASP B 300 -14.63 -26.67 9.55
CA ASP B 300 -15.56 -27.50 10.32
C ASP B 300 -15.71 -28.87 9.65
N ARG B 301 -16.03 -28.88 8.37
CA ARG B 301 -16.12 -30.08 7.56
C ARG B 301 -16.26 -29.65 6.11
N LEU B 302 -16.53 -30.59 5.22
CA LEU B 302 -16.70 -30.26 3.81
C LEU B 302 -18.05 -29.61 3.51
N GLN B 303 -18.87 -29.37 4.53
CA GLN B 303 -20.19 -28.79 4.36
C GLN B 303 -20.23 -27.30 4.67
N ALA B 304 -19.62 -26.88 5.78
CA ALA B 304 -19.74 -25.50 6.24
C ALA B 304 -19.16 -24.51 5.23
N GLY B 305 -17.97 -24.79 4.72
CA GLY B 305 -17.33 -23.91 3.77
C GLY B 305 -16.06 -23.28 4.29
N ASP B 306 -15.69 -22.13 3.75
CA ASP B 306 -14.53 -21.42 4.24
C ASP B 306 -14.83 -20.81 5.60
N PRO B 307 -14.11 -21.18 6.66
CA PRO B 307 -14.35 -20.58 7.97
C PRO B 307 -13.84 -19.15 8.02
N ASP B 308 -14.63 -18.28 8.64
CA ASP B 308 -14.29 -16.87 8.68
C ASP B 308 -13.13 -16.56 9.62
N THR B 309 -12.80 -17.46 10.53
CA THR B 309 -11.72 -17.24 11.47
C THR B 309 -10.77 -18.43 11.47
N LEU B 310 -9.47 -18.14 11.59
CA LEU B 310 -8.44 -19.17 11.67
C LEU B 310 -8.07 -19.51 13.11
N LEU B 311 -7.83 -18.50 13.95
CA LEU B 311 -7.63 -18.67 15.39
C LEU B 311 -8.45 -17.64 16.15
N GLY B 312 -9.73 -17.54 15.79
CA GLY B 312 -10.58 -16.49 16.32
C GLY B 312 -10.31 -15.14 15.70
N LEU B 313 -9.52 -15.09 14.64
CA LEU B 313 -9.09 -13.86 14.00
C LEU B 313 -9.55 -13.88 12.55
N PRO B 314 -10.19 -12.81 12.06
CA PRO B 314 -10.66 -12.81 10.67
C PRO B 314 -9.55 -13.08 9.67
N VAL B 315 -9.69 -14.17 8.92
CA VAL B 315 -8.70 -14.56 7.92
C VAL B 315 -8.97 -13.78 6.64
N GLU B 316 -7.91 -13.46 5.90
CA GLU B 316 -8.00 -12.75 4.65
C GLU B 316 -7.06 -13.40 3.65
N TYR B 317 -7.46 -13.35 2.37
CA TYR B 317 -6.80 -14.09 1.30
C TYR B 317 -6.06 -13.12 0.39
N LEU B 318 -4.74 -13.16 0.44
CA LEU B 318 -3.89 -12.39 -0.47
C LEU B 318 -3.36 -13.32 -1.55
N GLU B 319 -3.65 -12.96 -2.80
CA GLU B 319 -3.31 -13.83 -3.92
C GLU B 319 -1.81 -13.86 -4.19
N PHE B 320 -1.09 -12.80 -3.84
CA PHE B 320 0.30 -12.63 -4.24
C PHE B 320 1.29 -13.08 -3.18
N MET B 321 0.83 -13.83 -2.18
CA MET B 321 1.72 -14.43 -1.20
C MET B 321 2.37 -15.69 -1.77
N PRO B 322 3.49 -16.13 -1.20
CA PRO B 322 4.16 -17.34 -1.70
C PRO B 322 3.30 -18.57 -1.47
N ASP B 323 3.72 -19.68 -2.10
CA ASP B 323 2.93 -20.91 -2.10
C ASP B 323 2.97 -21.64 -0.77
N ASN B 324 3.97 -21.38 0.09
CA ASN B 324 4.06 -22.03 1.39
C ASN B 324 4.47 -21.02 2.46
N VAL B 325 3.89 -19.83 2.42
CA VAL B 325 4.15 -18.79 3.42
C VAL B 325 2.81 -18.21 3.86
N ILE B 326 2.61 -18.13 5.17
CA ILE B 326 1.41 -17.55 5.77
C ILE B 326 1.88 -16.48 6.75
N ALA B 327 1.00 -15.52 7.07
CA ALA B 327 1.40 -14.53 8.06
C ALA B 327 0.19 -14.12 8.90
N LEU B 328 0.47 -13.55 10.06
CA LEU B 328 -0.55 -13.10 10.99
C LEU B 328 -0.05 -11.86 11.71
N GLY B 329 -0.89 -10.84 11.81
CA GLY B 329 -0.49 -9.68 12.56
C GLY B 329 -1.56 -8.60 12.59
N ASP B 330 -1.37 -7.68 13.53
CA ASP B 330 -2.19 -6.47 13.62
C ASP B 330 -1.62 -5.48 12.61
N PHE B 331 -2.02 -5.64 11.36
CA PHE B 331 -1.42 -4.87 10.27
C PHE B 331 -1.73 -3.38 10.36
N LYS B 332 -2.76 -2.99 11.13
CA LYS B 332 -2.94 -1.58 11.42
C LYS B 332 -1.72 -1.01 12.14
N ARG B 333 -1.12 -1.83 13.01
CA ARG B 333 0.16 -1.54 13.65
C ARG B 333 1.33 -2.03 12.81
N GLY B 334 1.20 -3.20 12.18
CA GLY B 334 2.34 -3.91 11.62
C GLY B 334 2.81 -3.42 10.27
N TYR B 335 1.98 -2.72 9.52
CA TYR B 335 2.34 -2.35 8.16
C TYR B 335 1.66 -1.05 7.80
N TYR B 336 2.44 -0.05 7.36
CA TYR B 336 1.89 1.24 6.98
C TYR B 336 1.96 1.41 5.47
N ILE B 337 0.82 1.25 4.80
CA ILE B 337 0.68 1.66 3.41
C ILE B 337 0.63 3.18 3.39
N VAL B 338 1.38 3.79 2.49
CA VAL B 338 1.48 5.24 2.42
C VAL B 338 1.18 5.67 0.99
N ASP B 339 0.18 6.52 0.82
CA ASP B 339 -0.14 7.13 -0.46
C ASP B 339 0.07 8.63 -0.37
N HIS B 340 0.42 9.22 -1.51
CA HIS B 340 0.62 10.66 -1.55
C HIS B 340 -0.74 11.36 -1.58
N GLU B 341 -0.73 12.64 -1.15
CA GLU B 341 -1.96 13.42 -1.17
C GLU B 341 -2.50 13.61 -2.58
N THR B 342 -1.65 13.49 -3.59
CA THR B 342 -2.13 13.51 -4.97
C THR B 342 -2.96 12.27 -5.27
N GLY B 343 -2.63 11.15 -4.63
CA GLY B 343 -3.31 9.90 -4.92
C GLY B 343 -2.94 9.39 -6.30
N VAL B 344 -3.88 8.71 -6.94
CA VAL B 344 -3.73 8.29 -8.32
C VAL B 344 -4.06 9.46 -9.24
N ARG B 345 -3.17 9.77 -10.17
CA ARG B 345 -3.33 10.94 -11.02
C ARG B 345 -3.40 10.53 -12.49
N THR B 346 -4.61 10.41 -12.99
CA THR B 346 -4.84 10.06 -14.39
C THR B 346 -4.77 11.30 -15.28
N ARG B 347 -4.08 11.16 -16.40
CA ARG B 347 -3.93 12.25 -17.37
C ARG B 347 -4.00 11.63 -18.76
N PRO B 348 -5.06 11.93 -19.53
CA PRO B 348 -5.12 11.46 -20.92
C PRO B 348 -4.28 12.33 -21.83
N ASP B 349 -3.10 11.83 -22.23
CA ASP B 349 -2.19 12.55 -23.11
C ASP B 349 -2.62 12.26 -24.53
N ASN B 350 -3.62 12.99 -25.01
CA ASN B 350 -4.09 12.89 -26.38
C ASN B 350 -3.55 14.03 -27.24
N LEU B 351 -2.41 14.59 -26.84
CA LEU B 351 -1.78 15.71 -27.54
C LEU B 351 -0.43 15.36 -28.15
N THR B 352 0.38 14.55 -27.46
CA THR B 352 1.77 14.34 -27.90
C THR B 352 1.83 13.57 -29.20
N GLU B 353 1.25 12.37 -29.25
CA GLU B 353 1.10 11.63 -30.49
C GLU B 353 -0.37 11.70 -30.89
N PRO B 354 -0.79 12.77 -31.56
CA PRO B 354 -2.20 12.92 -31.89
C PRO B 354 -2.67 11.83 -32.84
N GLY B 355 -3.93 11.45 -32.71
CA GLY B 355 -4.41 10.18 -33.20
C GLY B 355 -4.26 9.07 -32.20
N PHE B 356 -3.54 9.32 -31.10
CA PHE B 356 -3.44 8.43 -29.96
C PHE B 356 -3.79 9.22 -28.71
N ILE B 357 -4.35 8.52 -27.73
CA ILE B 357 -4.65 9.09 -26.42
C ILE B 357 -3.94 8.20 -25.39
N LYS B 358 -2.72 8.58 -25.04
CA LYS B 358 -1.93 7.82 -24.07
C LYS B 358 -2.47 8.04 -22.67
N ILE B 359 -3.16 7.05 -22.11
CA ILE B 359 -3.68 7.23 -20.76
C ILE B 359 -2.53 7.03 -19.79
N PHE B 360 -2.03 8.10 -19.19
CA PHE B 360 -1.07 7.93 -18.11
C PHE B 360 -1.82 7.89 -16.79
N THR B 361 -1.41 6.98 -15.92
CA THR B 361 -2.09 6.85 -14.63
C THR B 361 -1.08 6.29 -13.65
N GLN B 362 -0.63 7.12 -12.70
CA GLN B 362 0.35 6.65 -11.74
C GLN B 362 -0.11 7.01 -10.33
N LYS B 363 0.28 6.15 -9.39
CA LYS B 363 0.02 6.34 -7.97
C LYS B 363 1.31 6.09 -7.21
N TYR B 364 1.65 7.00 -6.30
CA TYR B 364 2.89 6.90 -5.54
C TYR B 364 2.63 6.04 -4.31
N LEU B 365 2.88 4.75 -4.45
CA LEU B 365 2.60 3.79 -3.40
C LEU B 365 3.85 3.52 -2.57
N GLY B 366 3.66 3.33 -1.27
CA GLY B 366 4.75 2.92 -0.41
C GLY B 366 4.26 1.97 0.66
N GLY B 367 5.16 1.15 1.16
CA GLY B 367 4.79 0.18 2.17
C GLY B 367 5.97 -0.27 3.01
N GLY B 368 5.78 -0.31 4.33
CA GLY B 368 6.85 -0.68 5.22
C GLY B 368 6.33 -1.31 6.48
N VAL B 369 7.20 -2.11 7.10
CA VAL B 369 6.88 -2.81 8.34
C VAL B 369 7.11 -1.87 9.51
N VAL B 370 6.07 -1.17 9.91
CA VAL B 370 6.06 -0.45 11.17
C VAL B 370 5.70 -1.42 12.28
N ASP B 371 6.31 -1.25 13.45
CA ASP B 371 6.03 -2.12 14.60
C ASP B 371 6.22 -3.59 14.24
N SER B 372 7.49 -3.92 13.96
CA SER B 372 7.85 -5.26 13.51
C SER B 372 7.48 -6.34 14.51
N ASN B 373 7.03 -5.98 15.72
CA ASN B 373 6.50 -6.94 16.66
C ASN B 373 5.04 -7.25 16.42
N ALA B 374 4.39 -6.55 15.49
CA ALA B 374 2.97 -6.73 15.21
C ALA B 374 2.70 -7.57 13.97
N ILE B 375 3.73 -8.20 13.40
CA ILE B 375 3.57 -9.12 12.28
C ILE B 375 4.45 -10.34 12.52
N LYS B 376 3.91 -11.51 12.19
CA LYS B 376 4.59 -12.78 12.35
C LYS B 376 4.41 -13.58 11.08
N ILE B 377 5.41 -14.40 10.74
CA ILE B 377 5.43 -15.17 9.51
C ILE B 377 5.58 -16.64 9.85
N LEU B 378 4.96 -17.50 9.03
CA LEU B 378 4.98 -18.95 9.20
C LEU B 378 5.30 -19.57 7.85
N GLU B 379 6.51 -20.11 7.73
CA GLU B 379 6.94 -20.79 6.50
C GLU B 379 6.68 -22.28 6.66
N LEU B 380 5.55 -22.74 6.12
CA LEU B 380 5.22 -24.15 6.15
C LEU B 380 6.16 -24.93 5.23
N PRO B 381 6.30 -26.25 5.44
CA PRO B 381 7.23 -27.03 4.62
C PRO B 381 6.87 -26.97 3.14
N GLN B 382 7.91 -27.00 2.30
CA GLN B 382 7.73 -26.82 0.87
C GLN B 382 7.06 -28.02 0.21
N ASP B 383 7.07 -29.18 0.86
CA ASP B 383 6.50 -30.40 0.31
C ASP B 383 7.10 -30.78 -1.03
N SER C 93 -64.26 -73.49 -19.51
CA SER C 93 -63.59 -72.19 -19.47
C SER C 93 -62.28 -72.27 -18.71
N THR C 94 -61.18 -71.96 -19.40
CA THR C 94 -59.85 -72.04 -18.82
C THR C 94 -59.05 -70.82 -19.29
N GLY C 95 -57.74 -70.87 -19.10
CA GLY C 95 -56.86 -69.84 -19.63
C GLY C 95 -56.64 -69.92 -21.13
N VAL C 96 -57.08 -71.00 -21.76
CA VAL C 96 -57.00 -71.13 -23.22
C VAL C 96 -57.84 -70.02 -23.85
N PRO C 97 -57.35 -69.33 -24.89
CA PRO C 97 -58.13 -68.24 -25.48
C PRO C 97 -59.51 -68.66 -25.97
N ALA C 98 -59.63 -69.86 -26.56
CA ALA C 98 -60.94 -70.31 -27.03
C ALA C 98 -61.86 -70.68 -25.86
N ASP C 99 -61.31 -71.14 -24.75
CA ASP C 99 -62.09 -71.53 -23.57
C ASP C 99 -62.22 -70.35 -22.61
N GLY C 100 -62.88 -69.29 -23.08
CA GLY C 100 -63.13 -68.14 -22.24
C GLY C 100 -61.89 -67.36 -21.85
N GLY C 101 -60.82 -67.48 -22.63
CA GLY C 101 -59.62 -66.72 -22.37
C GLY C 101 -59.68 -65.34 -22.99
N TYR C 102 -60.56 -65.18 -23.99
CA TYR C 102 -60.73 -63.88 -24.61
C TYR C 102 -61.48 -62.91 -23.70
N THR C 103 -62.44 -63.43 -22.93
CA THR C 103 -63.19 -62.58 -22.01
C THR C 103 -62.29 -61.94 -20.97
N VAL C 104 -61.14 -62.54 -20.72
CA VAL C 104 -60.19 -62.01 -19.74
C VAL C 104 -59.40 -60.89 -20.42
N ILE C 105 -59.89 -59.66 -20.29
CA ILE C 105 -59.27 -58.50 -20.93
C ILE C 105 -58.31 -57.88 -19.92
N PRO C 106 -57.02 -57.81 -20.21
CA PRO C 106 -56.06 -57.24 -19.25
C PRO C 106 -56.35 -55.77 -18.98
N GLU C 107 -56.10 -55.33 -17.75
CA GLU C 107 -56.22 -53.93 -17.40
C GLU C 107 -55.01 -53.20 -17.98
N LEU C 108 -55.13 -52.86 -19.26
CA LEU C 108 -54.06 -52.18 -20.00
C LEU C 108 -54.06 -50.72 -19.58
N ASN C 109 -53.12 -50.35 -18.70
CA ASN C 109 -52.98 -48.96 -18.26
C ASN C 109 -52.36 -48.19 -19.42
N THR C 110 -53.23 -47.75 -20.34
CA THR C 110 -52.77 -47.17 -21.59
C THR C 110 -52.04 -45.85 -21.38
N GLU C 111 -52.30 -45.17 -20.27
CA GLU C 111 -51.64 -43.90 -20.01
C GLU C 111 -50.16 -44.14 -19.74
N ILE C 112 -49.33 -43.91 -20.76
CA ILE C 112 -47.93 -44.28 -20.67
C ILE C 112 -47.23 -43.46 -19.61
N MET C 113 -46.55 -44.15 -18.68
CA MET C 113 -45.73 -43.47 -17.69
C MET C 113 -44.37 -43.14 -18.29
N ARG C 114 -44.06 -41.85 -18.35
CA ARG C 114 -42.78 -41.43 -18.91
C ARG C 114 -41.68 -41.52 -17.86
N MET C 115 -40.46 -41.72 -18.33
CA MET C 115 -39.32 -41.73 -17.44
C MET C 115 -39.05 -40.33 -16.91
N LEU C 116 -38.62 -40.26 -15.65
CA LEU C 116 -38.47 -38.99 -14.96
C LEU C 116 -37.23 -38.25 -15.46
N THR C 117 -37.29 -36.91 -15.37
CA THR C 117 -36.26 -36.03 -15.93
C THR C 117 -35.58 -35.24 -14.81
N ASP C 118 -34.45 -34.63 -15.17
CA ASP C 118 -33.55 -34.01 -14.19
C ASP C 118 -33.82 -32.52 -13.99
N GLU C 119 -35.00 -32.04 -14.38
CA GLU C 119 -35.49 -30.71 -14.00
C GLU C 119 -34.56 -29.59 -14.50
N SER C 120 -34.01 -29.77 -15.70
CA SER C 120 -33.25 -28.74 -16.41
C SER C 120 -32.23 -28.06 -15.50
N THR C 121 -31.39 -28.88 -14.87
CA THR C 121 -30.45 -28.37 -13.87
C THR C 121 -29.45 -27.41 -14.50
N MET C 122 -28.99 -27.71 -15.71
CA MET C 122 -27.92 -26.92 -16.34
C MET C 122 -28.33 -25.46 -16.53
N ARG C 123 -29.57 -25.23 -16.98
CA ARG C 123 -30.03 -23.87 -17.20
C ARG C 123 -30.54 -23.19 -15.94
N ARG C 124 -30.83 -23.95 -14.88
CA ARG C 124 -30.96 -23.34 -13.57
C ARG C 124 -29.62 -22.81 -13.09
N ILE C 125 -28.54 -23.54 -13.41
CA ILE C 125 -27.22 -23.17 -12.94
C ILE C 125 -26.64 -22.02 -13.75
N CYS C 126 -26.54 -22.22 -15.07
CA CYS C 126 -25.96 -21.21 -15.95
C CYS C 126 -26.97 -20.12 -16.27
N THR C 127 -26.46 -18.99 -16.75
CA THR C 127 -27.31 -17.94 -17.26
C THR C 127 -27.73 -18.26 -18.69
N VAL C 128 -28.92 -17.80 -19.05
CA VAL C 128 -29.50 -18.03 -20.37
C VAL C 128 -29.71 -16.68 -21.03
N LYS C 129 -29.22 -16.55 -22.26
CA LYS C 129 -29.35 -15.33 -23.05
C LYS C 129 -30.34 -15.63 -24.17
N LYS C 130 -31.46 -14.90 -24.19
CA LYS C 130 -32.54 -15.16 -25.13
C LYS C 130 -32.39 -14.22 -26.33
N ILE C 131 -31.37 -14.52 -27.14
CA ILE C 131 -31.00 -13.65 -28.25
C ILE C 131 -31.88 -13.93 -29.45
N SER C 132 -31.77 -13.11 -30.49
CA SER C 132 -32.57 -13.24 -31.71
C SER C 132 -31.65 -13.34 -32.93
N SER C 133 -30.66 -14.22 -32.86
CA SER C 133 -29.68 -14.35 -33.94
C SER C 133 -29.17 -15.78 -34.00
N ASN C 134 -28.17 -15.99 -34.86
CA ASN C 134 -27.47 -17.28 -34.98
C ASN C 134 -26.25 -17.38 -34.10
N GLU C 135 -25.79 -16.27 -33.54
CA GLU C 135 -24.56 -16.26 -32.76
C GLU C 135 -24.69 -15.24 -31.65
N PHE C 136 -24.07 -15.54 -30.51
CA PHE C 136 -23.96 -14.61 -29.40
C PHE C 136 -22.47 -14.35 -29.18
N LYS C 137 -22.04 -13.14 -29.47
CA LYS C 137 -20.65 -12.73 -29.26
C LYS C 137 -20.55 -11.98 -27.94
N GLN C 138 -19.66 -12.43 -27.08
CA GLN C 138 -19.50 -11.83 -25.76
C GLN C 138 -18.06 -11.40 -25.56
N LEU C 139 -17.87 -10.31 -24.81
CA LEU C 139 -16.56 -9.69 -24.65
C LEU C 139 -16.07 -9.90 -23.22
N VAL C 140 -14.86 -10.44 -23.07
CA VAL C 140 -14.27 -10.66 -21.75
C VAL C 140 -12.82 -10.18 -21.76
N SER C 141 -12.42 -9.44 -20.73
CA SER C 141 -11.04 -9.01 -20.62
C SER C 141 -10.13 -10.21 -20.37
N ALA C 142 -9.09 -10.34 -21.22
CA ALA C 142 -8.16 -11.46 -21.07
C ALA C 142 -7.27 -11.27 -19.86
N GLY C 143 -6.96 -10.03 -19.51
CA GLY C 143 -5.96 -9.75 -18.51
C GLY C 143 -4.98 -8.71 -19.00
N GLY C 144 -3.71 -9.10 -19.12
CA GLY C 144 -2.71 -8.16 -19.62
C GLY C 144 -2.63 -6.93 -18.74
N ALA C 145 -2.63 -5.76 -19.38
CA ALA C 145 -2.60 -4.47 -18.71
C ALA C 145 -1.49 -4.43 -17.65
N THR C 146 -0.29 -4.72 -18.11
CA THR C 146 0.86 -4.82 -17.21
C THR C 146 1.23 -3.45 -16.66
N VAL C 147 1.95 -3.47 -15.54
CA VAL C 147 2.40 -2.26 -14.86
C VAL C 147 3.89 -2.40 -14.60
N ASN C 148 4.65 -1.39 -14.98
CA ASN C 148 6.09 -1.38 -14.73
C ASN C 148 6.39 -0.79 -13.35
N HIS C 149 7.41 -1.35 -12.70
CA HIS C 149 7.94 -0.80 -11.46
C HIS C 149 9.00 0.25 -11.83
N GLY C 150 8.53 1.31 -12.48
CA GLY C 150 9.42 2.30 -13.02
C GLY C 150 10.15 3.08 -11.95
N GLU C 151 11.28 3.64 -12.34
CA GLU C 151 12.14 4.40 -11.45
C GLU C 151 12.34 5.82 -11.96
N GLU C 152 13.26 6.52 -11.32
CA GLU C 152 13.40 7.96 -11.51
C GLU C 152 14.22 8.29 -12.75
N GLY C 153 15.43 7.73 -12.84
CA GLY C 153 16.24 7.97 -14.03
C GLY C 153 15.67 7.30 -15.27
N LYS C 154 15.11 6.12 -15.12
CA LYS C 154 14.61 5.37 -16.26
C LYS C 154 13.37 6.03 -16.84
N THR C 155 13.23 5.94 -18.16
CA THR C 155 12.07 6.44 -18.87
C THR C 155 10.90 5.46 -18.72
N ARG C 156 9.71 5.92 -19.11
CA ARG C 156 8.49 5.14 -18.97
C ARG C 156 8.18 4.49 -20.32
N GLU C 157 8.56 3.23 -20.47
CA GLU C 157 8.31 2.52 -21.71
C GLU C 157 6.84 2.10 -21.81
N GLN C 158 6.45 1.67 -23.00
CA GLN C 158 5.05 1.34 -23.27
C GLN C 158 4.68 0.05 -22.55
N THR C 159 3.59 0.09 -21.79
CA THR C 159 3.03 -1.10 -21.16
C THR C 159 2.03 -1.76 -22.11
N SER C 160 1.96 -3.09 -22.02
CA SER C 160 1.04 -3.83 -22.87
C SER C 160 -0.40 -3.59 -22.43
N THR C 161 -1.25 -3.24 -23.38
CA THR C 161 -2.65 -3.00 -23.13
C THR C 161 -3.38 -4.30 -22.83
N PRO C 162 -4.49 -4.24 -22.10
CA PRO C 162 -5.27 -5.46 -21.83
C PRO C 162 -5.91 -5.99 -23.10
N GLN C 163 -5.82 -7.30 -23.28
CA GLN C 163 -6.46 -7.98 -24.41
C GLN C 163 -7.91 -8.30 -24.10
N ILE C 164 -8.76 -8.24 -25.12
CA ILE C 164 -10.17 -8.60 -25.02
C ILE C 164 -10.42 -9.82 -25.89
N ASN C 165 -11.15 -10.79 -25.36
CA ASN C 165 -11.46 -12.02 -26.06
C ASN C 165 -12.94 -12.05 -26.41
N GLU C 166 -13.21 -12.48 -27.64
CA GLU C 166 -14.55 -12.77 -28.11
C GLU C 166 -14.92 -14.21 -27.79
N VAL C 167 -16.14 -14.40 -27.29
CA VAL C 167 -16.73 -15.71 -27.09
C VAL C 167 -17.83 -15.82 -28.13
N SER C 168 -17.68 -16.76 -29.06
CA SER C 168 -18.60 -16.94 -30.18
C SER C 168 -19.48 -18.15 -29.88
N ILE C 169 -20.60 -17.90 -29.22
CA ILE C 169 -21.55 -18.97 -28.87
C ILE C 169 -22.50 -19.08 -30.05
N LYS C 170 -22.19 -19.98 -30.98
CA LYS C 170 -23.03 -20.17 -32.15
C LYS C 170 -24.31 -20.91 -31.76
N LEU C 171 -25.45 -20.38 -32.20
CA LEU C 171 -26.73 -21.06 -32.00
C LEU C 171 -26.90 -22.14 -33.06
N TYR C 172 -26.91 -23.39 -32.63
CA TYR C 172 -27.16 -24.47 -33.57
C TYR C 172 -28.51 -25.13 -33.30
N PRO C 173 -29.17 -25.64 -34.33
CA PRO C 173 -30.46 -26.30 -34.10
C PRO C 173 -30.28 -27.72 -33.59
N VAL C 174 -31.07 -28.07 -32.59
CA VAL C 174 -31.25 -29.46 -32.16
C VAL C 174 -32.71 -29.81 -32.39
N TYR C 175 -32.94 -30.87 -33.15
CA TYR C 175 -34.27 -31.15 -33.67
C TYR C 175 -34.61 -32.63 -33.52
N ALA C 176 -35.89 -32.90 -33.37
CA ALA C 176 -36.46 -34.23 -33.46
C ALA C 176 -37.46 -34.24 -34.60
N TYR C 177 -37.38 -35.27 -35.44
CA TYR C 177 -38.23 -35.42 -36.61
C TYR C 177 -38.84 -36.82 -36.64
N PRO C 178 -39.61 -37.20 -35.62
CA PRO C 178 -40.14 -38.57 -35.57
C PRO C 178 -41.32 -38.73 -36.50
N ARG C 179 -41.20 -39.67 -37.45
CA ARG C 179 -42.30 -40.00 -38.33
C ARG C 179 -43.22 -40.98 -37.60
N THR C 180 -44.37 -40.49 -37.15
CA THR C 180 -45.41 -41.35 -36.59
C THR C 180 -46.43 -41.61 -37.68
N THR C 181 -47.01 -42.80 -37.70
CA THR C 181 -48.09 -43.06 -38.63
C THR C 181 -49.38 -42.43 -38.13
N GLN C 182 -50.17 -41.88 -39.04
CA GLN C 182 -51.48 -41.37 -38.68
C GLN C 182 -52.32 -42.47 -38.05
N GLU C 183 -52.07 -43.73 -38.41
CA GLU C 183 -52.76 -44.85 -37.81
C GLU C 183 -52.55 -44.86 -36.30
N ILE C 184 -51.29 -44.74 -35.86
CA ILE C 184 -51.02 -44.75 -34.42
C ILE C 184 -51.65 -43.55 -33.73
N VAL C 185 -51.69 -42.40 -34.41
CA VAL C 185 -52.35 -41.23 -33.83
C VAL C 185 -53.83 -41.49 -33.61
N ASP C 186 -54.49 -42.10 -34.59
CA ASP C 186 -55.93 -42.35 -34.48
C ASP C 186 -56.25 -43.45 -33.48
N PHE C 187 -55.45 -44.51 -33.46
CA PHE C 187 -55.83 -45.77 -32.85
C PHE C 187 -55.34 -45.92 -31.41
N SER C 188 -54.40 -45.10 -30.97
CA SER C 188 -53.88 -45.23 -29.62
C SER C 188 -54.92 -44.73 -28.61
N ASP C 189 -55.17 -45.53 -27.58
CA ASP C 189 -56.09 -45.09 -26.53
C ASP C 189 -55.54 -43.87 -25.81
N VAL C 190 -54.25 -43.89 -25.49
CA VAL C 190 -53.58 -42.70 -24.97
C VAL C 190 -53.33 -41.73 -26.12
N ASP C 191 -53.27 -40.44 -25.80
CA ASP C 191 -52.96 -39.43 -26.81
C ASP C 191 -51.50 -39.59 -27.19
N ILE C 192 -51.25 -40.33 -28.27
CA ILE C 192 -49.89 -40.70 -28.63
C ILE C 192 -49.06 -39.47 -29.02
N LEU C 193 -49.71 -38.44 -29.56
CA LEU C 193 -48.96 -37.23 -29.92
C LEU C 193 -48.60 -36.41 -28.69
N SER C 194 -49.48 -36.36 -27.70
CA SER C 194 -49.14 -35.69 -26.45
C SER C 194 -47.99 -36.40 -25.75
N TRP C 195 -48.03 -37.74 -25.70
CA TRP C 195 -46.93 -38.51 -25.13
C TRP C 195 -45.66 -38.33 -25.93
N LEU C 196 -45.77 -38.28 -27.26
CA LEU C 196 -44.60 -38.08 -28.11
C LEU C 196 -43.98 -36.71 -27.87
N THR C 197 -44.83 -35.68 -27.73
CA THR C 197 -44.32 -34.34 -27.43
C THR C 197 -43.64 -34.31 -26.07
N GLY C 198 -44.21 -34.99 -25.08
CA GLY C 198 -43.56 -35.09 -23.79
C GLY C 198 -42.22 -35.80 -23.88
N GLU C 199 -42.16 -36.89 -24.64
CA GLU C 199 -40.90 -37.61 -24.82
C GLU C 199 -39.87 -36.75 -25.52
N ILE C 200 -40.29 -35.99 -26.53
CA ILE C 200 -39.36 -35.13 -27.26
C ILE C 200 -38.88 -34.00 -26.37
N GLY C 201 -39.74 -33.46 -25.51
CA GLY C 201 -39.30 -32.45 -24.56
C GLY C 201 -38.32 -33.00 -23.54
N ASP C 202 -38.57 -34.21 -23.04
CA ASP C 202 -37.65 -34.84 -22.12
C ASP C 202 -36.30 -35.09 -22.77
N THR C 203 -36.31 -35.62 -24.01
CA THR C 203 -35.06 -35.84 -24.72
C THR C 203 -34.40 -34.53 -25.12
N PHE C 204 -35.18 -33.46 -25.28
CA PHE C 204 -34.60 -32.15 -25.54
C PHE C 204 -33.85 -31.66 -24.32
N THR C 205 -34.42 -31.80 -23.13
CA THR C 205 -33.68 -31.46 -21.92
C THR C 205 -32.43 -32.31 -21.77
N GLU C 206 -32.56 -33.62 -22.02
CA GLU C 206 -31.42 -34.53 -21.90
C GLU C 206 -30.30 -34.15 -22.88
N THR C 207 -30.66 -33.96 -24.15
CA THR C 207 -29.66 -33.63 -25.16
C THR C 207 -29.11 -32.22 -24.96
N GLU C 208 -29.93 -31.30 -24.46
CA GLU C 208 -29.45 -29.96 -24.11
C GLU C 208 -28.35 -30.03 -23.07
N GLU C 209 -28.60 -30.76 -21.99
CA GLU C 209 -27.58 -30.86 -20.95
C GLU C 209 -26.38 -31.67 -21.43
N SER C 210 -26.59 -32.68 -22.27
CA SER C 210 -25.47 -33.41 -22.86
C SER C 210 -24.59 -32.49 -23.70
N ASP C 211 -25.20 -31.62 -24.49
CA ASP C 211 -24.42 -30.69 -25.30
C ASP C 211 -23.74 -29.63 -24.44
N LEU C 212 -24.43 -29.13 -23.41
CA LEU C 212 -23.87 -28.08 -22.58
C LEU C 212 -22.81 -28.60 -21.61
N VAL C 213 -22.73 -29.91 -21.41
CA VAL C 213 -21.70 -30.47 -20.55
C VAL C 213 -20.58 -31.10 -21.37
N VAL C 214 -20.92 -32.11 -22.18
CA VAL C 214 -19.93 -32.86 -22.94
C VAL C 214 -20.13 -32.70 -24.44
N GLY C 215 -20.78 -31.62 -24.87
CA GLY C 215 -20.94 -31.36 -26.30
C GLY C 215 -19.63 -30.88 -26.90
N ASP C 216 -19.21 -31.53 -27.98
CA ASP C 216 -17.90 -31.29 -28.60
C ASP C 216 -17.90 -30.12 -29.57
N GLY C 217 -18.86 -29.21 -29.47
CA GLY C 217 -18.97 -28.17 -30.49
C GLY C 217 -19.34 -28.80 -31.83
N ASP C 218 -18.77 -28.24 -32.90
CA ASP C 218 -18.96 -28.78 -34.25
C ASP C 218 -20.44 -28.91 -34.58
N LYS C 219 -21.09 -27.75 -34.69
CA LYS C 219 -22.52 -27.62 -34.91
C LYS C 219 -23.32 -28.07 -33.69
N LYS C 220 -22.71 -27.95 -32.50
CA LYS C 220 -23.39 -28.17 -31.24
C LYS C 220 -22.90 -27.12 -30.26
N ALA C 221 -23.49 -27.12 -29.08
CA ALA C 221 -22.96 -26.30 -27.99
C ALA C 221 -21.70 -26.95 -27.43
N LYS C 222 -20.61 -26.21 -27.38
CA LYS C 222 -19.37 -26.74 -26.84
C LYS C 222 -19.50 -26.81 -25.31
N GLY C 223 -19.70 -28.01 -24.80
CA GLY C 223 -19.85 -28.19 -23.37
C GLY C 223 -18.60 -27.77 -22.63
N PHE C 224 -18.79 -27.30 -21.40
CA PHE C 224 -17.67 -26.78 -20.61
C PHE C 224 -16.66 -27.86 -20.25
N LEU C 225 -17.03 -29.14 -20.35
CA LEU C 225 -16.06 -30.20 -20.18
C LEU C 225 -15.31 -30.53 -21.48
N SER C 226 -15.88 -30.18 -22.64
CA SER C 226 -15.24 -30.49 -23.90
C SER C 226 -14.16 -29.50 -24.30
N VAL C 227 -14.12 -28.33 -23.66
CA VAL C 227 -13.12 -27.32 -23.97
C VAL C 227 -11.75 -27.82 -23.51
N PRO C 228 -10.66 -27.37 -24.10
CA PRO C 228 -9.33 -27.79 -23.64
C PRO C 228 -9.10 -27.35 -22.20
N ARG C 229 -8.30 -28.13 -21.48
CA ARG C 229 -8.02 -27.89 -20.08
C ARG C 229 -6.52 -27.90 -19.83
N ALA C 230 -6.12 -27.25 -18.74
CA ALA C 230 -4.71 -27.21 -18.35
C ALA C 230 -4.63 -27.10 -16.84
N GLU C 231 -3.47 -27.48 -16.30
CA GLU C 231 -3.22 -27.40 -14.87
C GLU C 231 -2.69 -26.03 -14.44
N LYS C 232 -2.50 -25.11 -15.38
CA LYS C 232 -1.99 -23.77 -15.09
C LYS C 232 -3.08 -22.92 -14.45
N ASN C 233 -2.65 -21.85 -13.78
CA ASN C 233 -3.56 -20.94 -13.10
C ASN C 233 -4.11 -19.90 -14.07
N ASP C 234 -4.88 -18.94 -13.54
CA ASP C 234 -5.59 -17.99 -14.40
C ASP C 234 -4.62 -17.16 -15.22
N LYS C 235 -3.52 -16.70 -14.62
CA LYS C 235 -2.61 -15.81 -15.33
C LYS C 235 -1.89 -16.55 -16.46
N GLU C 236 -1.54 -17.81 -16.24
CA GLU C 236 -0.77 -18.56 -17.23
C GLU C 236 -1.62 -19.23 -18.30
N ARG C 237 -2.89 -19.47 -18.01
CA ARG C 237 -3.76 -20.18 -18.94
C ARG C 237 -4.10 -19.34 -20.16
N ASP C 238 -4.43 -20.03 -21.25
CA ASP C 238 -5.09 -19.38 -22.38
C ASP C 238 -6.54 -19.10 -22.02
N PHE C 239 -7.17 -18.21 -22.78
CA PHE C 239 -8.52 -17.78 -22.45
C PHE C 239 -9.51 -18.93 -22.50
N GLY C 240 -9.53 -19.67 -23.62
CA GLY C 240 -10.53 -20.71 -23.80
C GLY C 240 -10.35 -21.88 -22.86
N THR C 241 -9.12 -22.13 -22.42
CA THR C 241 -8.84 -23.29 -21.58
C THR C 241 -9.38 -23.08 -20.16
N LEU C 242 -9.81 -24.18 -19.54
CA LEU C 242 -10.19 -24.19 -18.14
C LEU C 242 -9.04 -24.74 -17.30
N GLN C 243 -9.04 -24.36 -16.02
CA GLN C 243 -8.07 -24.90 -15.08
C GLN C 243 -8.57 -26.22 -14.54
N VAL C 244 -7.81 -27.28 -14.74
CA VAL C 244 -8.18 -28.62 -14.30
C VAL C 244 -7.18 -29.08 -13.24
N ILE C 245 -7.72 -29.62 -12.15
CA ILE C 245 -6.94 -30.21 -11.08
C ILE C 245 -6.92 -31.73 -11.32
N LYS C 246 -5.71 -32.28 -11.45
CA LYS C 246 -5.52 -33.69 -11.76
C LYS C 246 -4.68 -34.32 -10.66
N PRO C 247 -5.31 -34.70 -9.54
CA PRO C 247 -4.55 -35.28 -8.43
C PRO C 247 -4.08 -36.69 -8.74
N SER C 248 -3.10 -37.13 -7.95
CA SER C 248 -2.57 -38.48 -8.09
C SER C 248 -3.55 -39.51 -7.54
N SER C 255 -9.53 -37.64 1.93
CA SER C 255 -9.11 -37.74 0.54
C SER C 255 -9.89 -36.76 -0.34
N ALA C 256 -10.20 -35.59 0.22
CA ALA C 256 -10.91 -34.54 -0.49
C ALA C 256 -10.07 -33.28 -0.61
N ASP C 257 -8.75 -33.42 -0.52
CA ASP C 257 -7.86 -32.29 -0.80
C ASP C 257 -8.09 -31.68 -2.18
N PRO C 258 -8.25 -32.45 -3.26
CA PRO C 258 -8.50 -31.81 -4.55
C PRO C 258 -9.73 -30.94 -4.58
N LEU C 259 -10.77 -31.24 -3.79
CA LEU C 259 -11.94 -30.37 -3.73
C LEU C 259 -11.57 -29.00 -3.16
N ILE C 260 -10.76 -28.98 -2.11
CA ILE C 260 -10.33 -27.71 -1.52
C ILE C 260 -9.45 -26.95 -2.51
N ASP C 261 -8.55 -27.66 -3.20
CA ASP C 261 -7.73 -27.02 -4.22
C ASP C 261 -8.60 -26.46 -5.34
N LEU C 262 -9.68 -27.15 -5.67
CA LEU C 262 -10.58 -26.69 -6.73
C LEU C 262 -11.33 -25.44 -6.30
N LYS C 263 -11.81 -25.40 -5.06
CA LYS C 263 -12.49 -24.21 -4.58
C LYS C 263 -11.54 -23.01 -4.53
N PHE C 264 -10.30 -23.24 -4.11
CA PHE C 264 -9.35 -22.14 -4.04
C PHE C 264 -8.72 -21.81 -5.39
N ALA C 265 -8.95 -22.65 -6.41
CA ALA C 265 -8.57 -22.27 -7.77
C ALA C 265 -9.43 -21.11 -8.28
N LEU C 266 -10.70 -21.10 -7.89
CA LEU C 266 -11.55 -19.95 -8.17
C LEU C 266 -11.06 -18.72 -7.41
N ARG C 267 -11.11 -17.58 -8.08
CA ARG C 267 -10.80 -16.32 -7.40
C ARG C 267 -11.88 -16.04 -6.36
N LYS C 268 -11.50 -15.28 -5.33
CA LYS C 268 -12.35 -15.10 -4.15
C LYS C 268 -13.74 -14.59 -4.53
N LYS C 269 -13.83 -13.74 -5.56
CA LYS C 269 -15.12 -13.19 -5.96
C LYS C 269 -16.05 -14.28 -6.51
N TYR C 270 -15.52 -15.21 -7.29
CA TYR C 270 -16.35 -16.24 -7.90
C TYR C 270 -16.99 -17.13 -6.84
N ARG C 271 -16.26 -17.41 -5.76
CA ARG C 271 -16.71 -18.33 -4.73
C ARG C 271 -18.05 -17.91 -4.14
N LYS C 272 -18.37 -16.61 -4.20
CA LYS C 272 -19.64 -16.14 -3.68
C LYS C 272 -20.82 -16.77 -4.42
N ASN C 273 -20.74 -16.83 -5.75
CA ASN C 273 -21.82 -17.37 -6.56
C ASN C 273 -21.41 -18.63 -7.31
N ALA C 274 -20.47 -19.39 -6.75
CA ALA C 274 -20.00 -20.62 -7.36
C ALA C 274 -20.91 -21.78 -6.96
N VAL C 275 -21.07 -22.71 -7.89
CA VAL C 275 -21.91 -23.89 -7.70
C VAL C 275 -21.15 -25.10 -8.20
N TRP C 276 -21.30 -26.23 -7.52
CA TRP C 276 -20.70 -27.48 -7.94
C TRP C 276 -21.61 -28.19 -8.92
N VAL C 277 -21.00 -28.89 -9.88
CA VAL C 277 -21.72 -29.79 -10.77
C VAL C 277 -21.00 -31.14 -10.78
N VAL C 278 -21.75 -32.21 -10.50
CA VAL C 278 -21.17 -33.54 -10.38
C VAL C 278 -22.10 -34.54 -11.04
N ASN C 279 -21.50 -35.58 -11.63
CA ASN C 279 -22.26 -36.76 -12.02
C ASN C 279 -22.72 -37.50 -10.76
N SER C 280 -23.76 -38.32 -10.93
CA SER C 280 -24.25 -39.10 -9.79
C SER C 280 -23.17 -40.02 -9.25
N THR C 281 -22.40 -40.65 -10.16
CA THR C 281 -21.29 -41.49 -9.73
C THR C 281 -20.21 -40.66 -9.03
N THR C 282 -19.90 -39.47 -9.56
CA THR C 282 -18.90 -38.63 -8.89
C THR C 282 -19.44 -38.10 -7.57
N ALA C 283 -20.75 -37.81 -7.49
CA ALA C 283 -21.33 -37.39 -6.23
C ALA C 283 -21.24 -38.51 -5.18
N ALA C 284 -21.46 -39.75 -5.61
CA ALA C 284 -21.24 -40.88 -4.71
C ALA C 284 -19.78 -40.98 -4.30
N LYS C 285 -18.87 -40.83 -5.25
CA LYS C 285 -17.44 -40.88 -4.96
C LYS C 285 -17.04 -39.81 -3.96
N LEU C 286 -17.74 -38.67 -3.98
CA LEU C 286 -17.52 -37.62 -2.99
C LEU C 286 -18.09 -38.01 -1.63
N GLN C 287 -19.35 -38.45 -1.60
CA GLN C 287 -19.94 -38.88 -0.34
C GLN C 287 -19.20 -40.08 0.23
N LYS C 288 -18.56 -40.88 -0.61
CA LYS C 288 -17.76 -42.01 -0.17
C LYS C 288 -16.39 -41.60 0.38
N VAL C 289 -15.96 -40.36 0.14
CA VAL C 289 -14.71 -39.90 0.73
C VAL C 289 -14.81 -39.98 2.24
N LYS C 290 -13.87 -40.67 2.86
CA LYS C 290 -13.92 -40.94 4.29
C LYS C 290 -12.72 -40.34 5.00
N ASN C 291 -12.96 -39.95 6.25
CA ASN C 291 -11.90 -39.76 7.21
C ASN C 291 -11.07 -41.03 7.32
N ALA C 292 -9.79 -40.86 7.67
CA ALA C 292 -8.92 -42.01 7.77
C ALA C 292 -9.34 -42.96 8.89
N ASN C 293 -10.24 -42.52 9.77
CA ASN C 293 -10.89 -43.40 10.75
C ASN C 293 -12.31 -43.78 10.38
N GLY C 294 -12.76 -43.53 9.15
CA GLY C 294 -13.96 -44.14 8.62
C GLY C 294 -15.16 -43.23 8.46
N ASP C 295 -15.41 -42.30 9.39
CA ASP C 295 -16.58 -41.44 9.25
C ASP C 295 -16.46 -40.56 8.02
N TYR C 296 -17.56 -40.49 7.27
CA TYR C 296 -17.59 -39.80 6.00
C TYR C 296 -17.34 -38.31 6.22
N ILE C 297 -16.39 -37.75 5.49
CA ILE C 297 -16.01 -36.35 5.71
C ILE C 297 -17.09 -35.41 5.18
N TRP C 298 -17.56 -35.65 3.95
CA TRP C 298 -18.50 -34.72 3.34
C TRP C 298 -19.88 -34.85 3.99
N ARG C 299 -20.50 -36.01 3.86
CA ARG C 299 -21.82 -36.19 4.47
C ARG C 299 -21.68 -36.41 5.97
N ASP C 300 -22.73 -36.03 6.70
CA ASP C 300 -22.73 -36.10 8.15
C ASP C 300 -22.59 -37.54 8.62
N ARG C 301 -23.60 -38.37 8.36
CA ARG C 301 -23.60 -39.78 8.73
C ARG C 301 -24.35 -40.56 7.66
N LEU C 302 -24.48 -41.87 7.86
CA LEU C 302 -25.34 -42.66 7.00
C LEU C 302 -26.82 -42.39 7.29
N GLN C 303 -27.14 -42.06 8.55
CA GLN C 303 -28.53 -41.78 8.91
C GLN C 303 -29.04 -40.53 8.20
N ALA C 304 -28.26 -39.45 8.23
CA ALA C 304 -28.67 -38.20 7.63
C ALA C 304 -28.67 -38.30 6.11
N GLY C 305 -29.38 -37.38 5.48
CA GLY C 305 -29.50 -37.36 4.04
C GLY C 305 -28.31 -36.70 3.37
N ASP C 306 -28.53 -36.25 2.14
CA ASP C 306 -27.48 -35.57 1.41
C ASP C 306 -27.18 -34.22 2.04
N PRO C 307 -25.92 -33.82 2.08
CA PRO C 307 -25.57 -32.50 2.60
C PRO C 307 -26.08 -31.40 1.67
N ASP C 308 -26.46 -30.28 2.28
CA ASP C 308 -27.03 -29.18 1.52
C ASP C 308 -25.99 -28.52 0.61
N THR C 309 -24.78 -28.31 1.12
CA THR C 309 -23.75 -27.61 0.38
C THR C 309 -22.43 -28.37 0.46
N LEU C 310 -21.62 -28.24 -0.58
CA LEU C 310 -20.29 -28.80 -0.63
C LEU C 310 -19.28 -27.65 -0.56
N LEU C 311 -18.41 -27.69 0.45
CA LEU C 311 -17.48 -26.61 0.72
C LEU C 311 -18.21 -25.26 0.82
N GLY C 312 -19.37 -25.28 1.48
CA GLY C 312 -20.17 -24.09 1.65
C GLY C 312 -21.00 -23.69 0.47
N LEU C 313 -20.71 -24.19 -0.71
CA LEU C 313 -21.38 -23.85 -1.94
C LEU C 313 -22.41 -24.91 -2.31
N PRO C 314 -23.54 -24.51 -2.89
CA PRO C 314 -24.55 -25.49 -3.31
C PRO C 314 -23.99 -26.44 -4.36
N VAL C 315 -24.43 -27.69 -4.27
CA VAL C 315 -23.98 -28.75 -5.17
C VAL C 315 -25.17 -29.18 -6.02
N GLU C 316 -24.91 -29.43 -7.30
CA GLU C 316 -25.92 -29.83 -8.27
C GLU C 316 -25.43 -31.07 -9.02
N TYR C 317 -26.38 -31.84 -9.52
CA TYR C 317 -26.11 -33.15 -10.11
C TYR C 317 -26.38 -33.10 -11.60
N LEU C 318 -25.34 -33.33 -12.40
CA LEU C 318 -25.45 -33.44 -13.85
C LEU C 318 -24.96 -34.82 -14.24
N GLU C 319 -25.90 -35.73 -14.45
CA GLU C 319 -25.58 -37.12 -14.79
C GLU C 319 -25.03 -37.26 -16.21
N PHE C 320 -24.84 -36.16 -16.92
CA PHE C 320 -24.24 -36.18 -18.25
C PHE C 320 -22.73 -35.97 -18.21
N MET C 321 -22.17 -35.70 -17.04
CA MET C 321 -20.74 -35.61 -16.81
C MET C 321 -20.13 -37.02 -16.77
N PRO C 322 -18.85 -37.15 -17.08
CA PRO C 322 -18.19 -38.46 -16.96
C PRO C 322 -18.15 -38.93 -15.52
N ASP C 323 -17.72 -40.19 -15.35
CA ASP C 323 -17.76 -40.84 -14.05
C ASP C 323 -16.61 -40.43 -13.13
N ASN C 324 -15.66 -39.63 -13.62
CA ASN C 324 -14.56 -39.17 -12.77
C ASN C 324 -14.25 -37.69 -13.02
N VAL C 325 -15.28 -36.89 -13.36
CA VAL C 325 -15.10 -35.47 -13.60
C VAL C 325 -16.03 -34.72 -12.67
N ILE C 326 -15.47 -33.72 -11.97
CA ILE C 326 -16.21 -32.85 -11.06
C ILE C 326 -15.93 -31.43 -11.49
N ALA C 327 -16.91 -30.53 -11.36
CA ALA C 327 -16.63 -29.16 -11.74
C ALA C 327 -17.25 -28.21 -10.73
N LEU C 328 -16.71 -26.99 -10.69
CA LEU C 328 -17.16 -25.98 -9.74
C LEU C 328 -16.96 -24.61 -10.34
N GLY C 329 -17.96 -23.75 -10.25
CA GLY C 329 -17.76 -22.39 -10.69
C GLY C 329 -19.03 -21.57 -10.69
N ASP C 330 -18.84 -20.27 -10.84
CA ASP C 330 -19.92 -19.29 -10.97
C ASP C 330 -20.40 -19.35 -12.42
N PHE C 331 -21.28 -20.31 -12.71
CA PHE C 331 -21.72 -20.54 -14.08
C PHE C 331 -22.53 -19.39 -14.63
N LYS C 332 -23.08 -18.53 -13.77
CA LYS C 332 -23.69 -17.29 -14.26
C LYS C 332 -22.66 -16.46 -15.03
N ARG C 333 -21.41 -16.49 -14.57
CA ARG C 333 -20.27 -15.92 -15.28
C ARG C 333 -19.64 -16.93 -16.23
N GLY C 334 -19.49 -18.18 -15.78
CA GLY C 334 -18.61 -19.11 -16.46
C GLY C 334 -19.14 -19.72 -17.73
N TYR C 335 -20.45 -19.83 -17.88
CA TYR C 335 -21.03 -20.51 -19.04
C TYR C 335 -22.32 -19.81 -19.43
N TYR C 336 -22.45 -19.45 -20.70
CA TYR C 336 -23.63 -18.77 -21.21
C TYR C 336 -24.42 -19.72 -22.10
N ILE C 337 -25.55 -20.20 -21.61
CA ILE C 337 -26.51 -20.89 -22.47
C ILE C 337 -27.22 -19.83 -23.30
N VAL C 338 -27.53 -20.17 -24.55
CA VAL C 338 -28.15 -19.23 -25.47
C VAL C 338 -29.35 -19.88 -26.11
N ASP C 339 -30.50 -19.22 -26.00
CA ASP C 339 -31.73 -19.62 -26.67
C ASP C 339 -32.18 -18.50 -27.60
N HIS C 340 -33.15 -18.80 -28.44
CA HIS C 340 -33.72 -17.82 -29.36
C HIS C 340 -35.06 -17.33 -28.84
N GLU C 341 -35.53 -16.22 -29.40
CA GLU C 341 -36.80 -15.64 -28.97
C GLU C 341 -37.95 -16.60 -29.24
N THR C 342 -37.90 -17.34 -30.35
CA THR C 342 -38.93 -18.33 -30.63
C THR C 342 -38.85 -19.51 -29.67
N GLY C 343 -37.67 -19.78 -29.13
CA GLY C 343 -37.50 -20.93 -28.25
C GLY C 343 -37.67 -22.22 -29.03
N VAL C 344 -38.51 -23.11 -28.52
CA VAL C 344 -38.80 -24.37 -29.17
C VAL C 344 -39.98 -24.17 -30.10
N ARG C 345 -39.81 -24.56 -31.36
CA ARG C 345 -40.89 -24.49 -32.34
C ARG C 345 -41.27 -25.91 -32.77
N THR C 346 -42.58 -26.17 -32.79
CA THR C 346 -43.14 -27.44 -33.21
C THR C 346 -43.99 -27.23 -34.44
N ARG C 347 -43.72 -27.99 -35.49
CA ARG C 347 -44.43 -27.94 -36.76
C ARG C 347 -44.94 -29.36 -36.98
N PRO C 348 -46.21 -29.59 -36.68
CA PRO C 348 -46.78 -30.94 -36.85
C PRO C 348 -47.12 -31.22 -38.31
N ASP C 349 -46.12 -31.65 -39.08
CA ASP C 349 -46.28 -31.79 -40.52
C ASP C 349 -47.31 -32.88 -40.78
N ASN C 350 -48.52 -32.46 -41.12
CA ASN C 350 -49.64 -33.38 -41.34
C ASN C 350 -50.17 -33.23 -42.76
N LEU C 351 -49.28 -32.94 -43.71
CA LEU C 351 -49.66 -32.83 -45.10
C LEU C 351 -48.74 -33.64 -46.01
N THR C 352 -47.45 -33.68 -45.67
CA THR C 352 -46.42 -34.00 -46.66
C THR C 352 -46.32 -35.50 -46.95
N GLU C 353 -46.12 -36.31 -45.93
CA GLU C 353 -46.17 -37.74 -46.15
C GLU C 353 -47.53 -38.24 -45.69
N PRO C 354 -48.51 -38.33 -46.60
CA PRO C 354 -49.87 -38.67 -46.18
C PRO C 354 -49.93 -40.04 -45.54
N GLY C 355 -50.77 -40.15 -44.52
CA GLY C 355 -50.73 -41.30 -43.63
C GLY C 355 -49.66 -41.24 -42.58
N PHE C 356 -48.92 -40.13 -42.49
CA PHE C 356 -47.87 -39.96 -41.51
C PHE C 356 -47.93 -38.56 -40.93
N ILE C 357 -47.93 -38.47 -39.61
CA ILE C 357 -47.67 -37.23 -38.89
C ILE C 357 -46.16 -37.15 -38.69
N LYS C 358 -45.50 -36.21 -39.35
CA LYS C 358 -44.09 -35.96 -39.13
C LYS C 358 -43.96 -34.74 -38.22
N ILE C 359 -43.84 -35.01 -36.92
CA ILE C 359 -43.64 -33.95 -35.96
C ILE C 359 -42.22 -33.42 -36.14
N PHE C 360 -42.09 -32.13 -36.41
CA PHE C 360 -40.77 -31.49 -36.45
C PHE C 360 -40.67 -30.51 -35.29
N THR C 361 -39.88 -30.88 -34.27
CA THR C 361 -39.68 -30.01 -33.12
C THR C 361 -38.22 -29.63 -33.06
N GLN C 362 -37.93 -28.33 -33.11
CA GLN C 362 -36.54 -27.90 -33.03
C GLN C 362 -36.38 -26.74 -32.07
N LYS C 363 -35.22 -26.72 -31.41
CA LYS C 363 -34.82 -25.65 -30.51
C LYS C 363 -33.42 -25.21 -30.89
N TYR C 364 -33.20 -23.90 -30.93
CA TYR C 364 -31.88 -23.35 -31.23
C TYR C 364 -31.12 -23.21 -29.92
N LEU C 365 -30.10 -24.05 -29.74
CA LEU C 365 -29.33 -24.13 -28.51
C LEU C 365 -27.90 -23.69 -28.77
N GLY C 366 -27.36 -22.90 -27.86
CA GLY C 366 -25.96 -22.53 -27.91
C GLY C 366 -25.32 -22.61 -26.54
N GLY C 367 -24.03 -22.95 -26.50
CA GLY C 367 -23.34 -23.03 -25.22
C GLY C 367 -21.87 -22.72 -25.33
N GLY C 368 -21.40 -21.78 -24.53
CA GLY C 368 -20.00 -21.38 -24.57
C GLY C 368 -19.49 -21.04 -23.19
N VAL C 369 -18.20 -21.28 -22.98
CA VAL C 369 -17.54 -20.98 -21.72
C VAL C 369 -17.10 -19.52 -21.76
N VAL C 370 -17.98 -18.63 -21.32
CA VAL C 370 -17.64 -17.22 -21.17
C VAL C 370 -16.90 -17.05 -19.86
N ASP C 371 -15.79 -16.31 -19.89
CA ASP C 371 -15.01 -16.07 -18.68
C ASP C 371 -14.58 -17.40 -18.07
N SER C 372 -13.71 -18.13 -18.76
CA SER C 372 -13.29 -19.45 -18.30
C SER C 372 -12.65 -19.43 -16.91
N ASN C 373 -12.25 -18.25 -16.43
CA ASN C 373 -11.73 -18.14 -15.07
C ASN C 373 -12.79 -18.47 -14.02
N ALA C 374 -14.07 -18.48 -14.40
CA ALA C 374 -15.17 -18.71 -13.47
C ALA C 374 -15.59 -20.17 -13.38
N ILE C 375 -14.88 -21.09 -14.05
CA ILE C 375 -15.16 -22.52 -13.97
C ILE C 375 -13.85 -23.26 -13.77
N LYS C 376 -13.87 -24.27 -12.89
CA LYS C 376 -12.71 -25.09 -12.61
C LYS C 376 -13.12 -26.55 -12.68
N ILE C 377 -12.23 -27.38 -13.23
CA ILE C 377 -12.52 -28.80 -13.46
C ILE C 377 -11.60 -29.62 -12.55
N LEU C 378 -12.04 -30.83 -12.22
CA LEU C 378 -11.31 -31.72 -11.33
C LEU C 378 -11.46 -33.14 -11.87
N GLU C 379 -10.36 -33.70 -12.38
CA GLU C 379 -10.35 -35.07 -12.86
C GLU C 379 -9.83 -35.97 -11.75
N LEU C 380 -10.73 -36.62 -11.02
CA LEU C 380 -10.36 -37.53 -9.96
C LEU C 380 -9.66 -38.75 -10.56
N PRO C 381 -8.85 -39.44 -9.76
CA PRO C 381 -8.25 -40.69 -10.26
C PRO C 381 -9.35 -41.68 -10.66
N GLN C 382 -9.14 -42.33 -11.80
CA GLN C 382 -10.18 -43.17 -12.39
C GLN C 382 -10.50 -44.37 -11.49
N ASP C 383 -9.48 -44.97 -10.89
CA ASP C 383 -9.66 -46.14 -10.04
C ASP C 383 -10.36 -47.28 -10.77
N SER D 93 20.07 11.84 23.92
CA SER D 93 20.75 12.94 23.24
C SER D 93 20.53 12.82 21.74
N THR D 94 20.67 13.95 21.05
CA THR D 94 20.49 13.97 19.60
C THR D 94 21.63 13.28 18.86
N GLY D 95 22.80 13.14 19.50
CA GLY D 95 23.92 12.50 18.83
C GLY D 95 23.64 11.06 18.46
N VAL D 96 23.04 10.31 19.38
CA VAL D 96 22.63 8.94 19.13
C VAL D 96 21.28 8.98 18.43
N PRO D 97 21.16 8.44 17.21
CA PRO D 97 19.86 8.47 16.52
C PRO D 97 18.75 7.77 17.29
N ALA D 98 19.06 6.64 17.94
CA ALA D 98 18.01 5.88 18.61
C ALA D 98 17.50 6.58 19.86
N ASP D 99 18.39 7.24 20.60
CA ASP D 99 18.03 7.89 21.87
C ASP D 99 17.42 9.26 21.60
N GLY D 100 16.24 9.25 20.98
CA GLY D 100 15.53 10.47 20.69
C GLY D 100 16.16 11.30 19.60
N GLY D 101 16.98 10.70 18.75
CA GLY D 101 17.61 11.42 17.66
C GLY D 101 16.77 11.41 16.39
N TYR D 102 15.96 10.36 16.20
CA TYR D 102 15.09 10.33 15.03
C TYR D 102 13.96 11.35 15.14
N THR D 103 13.55 11.69 16.37
CA THR D 103 12.48 12.64 16.56
C THR D 103 12.83 14.01 16.00
N VAL D 104 14.09 14.42 16.17
CA VAL D 104 14.54 15.74 15.73
C VAL D 104 14.61 15.74 14.20
N ILE D 105 13.70 16.47 13.57
CA ILE D 105 13.72 16.62 12.12
C ILE D 105 14.45 17.91 11.78
N PRO D 106 15.21 17.96 10.68
CA PRO D 106 15.86 19.21 10.26
C PRO D 106 14.86 20.13 9.58
N GLU D 107 14.70 21.34 10.12
CA GLU D 107 13.73 22.28 9.59
C GLU D 107 14.28 22.87 8.30
N LEU D 108 13.89 22.30 7.17
CA LEU D 108 14.30 22.78 5.87
C LEU D 108 13.62 24.11 5.58
N ASN D 109 14.42 25.16 5.39
CA ASN D 109 13.89 26.47 5.01
C ASN D 109 13.21 26.34 3.65
N THR D 110 11.88 26.52 3.63
CA THR D 110 11.10 26.29 2.43
C THR D 110 11.40 27.28 1.31
N GLU D 111 12.13 28.35 1.60
CA GLU D 111 12.55 29.31 0.58
C GLU D 111 13.97 28.98 0.17
N ILE D 112 14.12 28.33 -0.99
CA ILE D 112 15.46 27.99 -1.47
C ILE D 112 16.24 29.25 -1.78
N MET D 113 17.49 29.28 -1.35
CA MET D 113 18.39 30.40 -1.63
C MET D 113 18.92 30.27 -3.05
N ARG D 114 18.49 31.19 -3.92
CA ARG D 114 18.94 31.24 -5.30
C ARG D 114 20.25 32.03 -5.32
N MET D 115 21.37 31.31 -5.42
CA MET D 115 22.68 31.95 -5.34
C MET D 115 22.86 33.00 -6.43
N LEU D 116 22.42 32.69 -7.65
CA LEU D 116 22.74 33.49 -8.82
C LEU D 116 21.74 34.63 -9.05
N THR D 117 20.97 35.01 -8.03
CA THR D 117 20.00 36.09 -8.17
C THR D 117 20.69 37.44 -8.15
N ASP D 118 20.25 38.34 -9.02
CA ASP D 118 20.74 39.71 -9.05
C ASP D 118 19.72 40.56 -9.78
N GLU D 119 19.52 41.78 -9.28
CA GLU D 119 18.67 42.74 -9.98
C GLU D 119 19.32 43.07 -11.32
N SER D 120 18.57 42.88 -12.40
CA SER D 120 19.14 43.02 -13.73
C SER D 120 19.57 44.46 -13.98
N THR D 121 20.88 44.70 -13.95
CA THR D 121 21.39 46.05 -14.18
C THR D 121 21.14 46.49 -15.62
N MET D 122 21.14 45.55 -16.56
CA MET D 122 20.80 45.87 -17.95
C MET D 122 19.40 46.46 -18.04
N ARG D 123 18.42 45.79 -17.43
CA ARG D 123 17.04 46.25 -17.54
C ARG D 123 16.81 47.56 -16.81
N ARG D 124 17.69 47.92 -15.87
CA ARG D 124 17.53 49.17 -15.14
C ARG D 124 18.21 50.33 -15.87
N ILE D 125 19.46 50.15 -16.28
CA ILE D 125 20.18 51.22 -16.96
C ILE D 125 19.62 51.44 -18.37
N CYS D 126 19.20 50.38 -19.04
CA CYS D 126 18.62 50.49 -20.37
C CYS D 126 17.10 50.54 -20.28
N THR D 127 16.48 51.12 -21.30
CA THR D 127 15.04 51.16 -21.37
C THR D 127 14.49 49.81 -21.78
N VAL D 128 13.28 49.51 -21.30
CA VAL D 128 12.60 48.25 -21.60
C VAL D 128 11.31 48.60 -22.32
N LYS D 129 11.20 48.16 -23.57
CA LYS D 129 10.02 48.41 -24.40
C LYS D 129 9.33 47.08 -24.66
N LYS D 130 8.30 46.77 -23.87
CA LYS D 130 7.47 45.62 -24.17
C LYS D 130 6.77 45.83 -25.50
N ILE D 131 6.86 44.85 -26.38
CA ILE D 131 6.40 45.01 -27.75
C ILE D 131 5.74 43.71 -28.19
N SER D 132 4.93 43.80 -29.25
CA SER D 132 4.28 42.63 -29.84
C SER D 132 4.64 42.58 -31.32
N SER D 133 5.80 42.01 -31.62
CA SER D 133 6.30 41.87 -32.98
C SER D 133 7.60 41.09 -32.94
N ASN D 134 8.01 40.58 -34.11
CA ASN D 134 9.31 39.95 -34.23
C ASN D 134 10.42 40.99 -34.25
N GLU D 135 10.20 42.12 -34.94
CA GLU D 135 11.19 43.16 -35.07
C GLU D 135 10.64 44.47 -34.53
N PHE D 136 11.50 45.23 -33.86
CA PHE D 136 11.18 46.54 -33.30
C PHE D 136 12.05 47.56 -34.03
N LYS D 137 11.40 48.54 -34.65
CA LYS D 137 12.09 49.60 -35.38
C LYS D 137 11.96 50.88 -34.58
N GLN D 138 13.05 51.29 -33.94
CA GLN D 138 13.12 52.63 -33.37
C GLN D 138 13.76 53.55 -34.40
N LEU D 139 13.19 54.74 -34.56
CA LEU D 139 13.72 55.73 -35.50
C LEU D 139 14.69 56.63 -34.76
N VAL D 140 15.93 56.70 -35.25
CA VAL D 140 17.01 57.41 -34.58
C VAL D 140 17.54 58.44 -35.56
N SER D 141 17.09 59.68 -35.44
CA SER D 141 17.48 60.71 -36.39
C SER D 141 18.96 61.03 -36.26
N ALA D 142 19.70 60.82 -37.35
CA ALA D 142 21.14 61.09 -37.33
C ALA D 142 21.41 62.57 -37.10
N GLY D 143 20.62 63.44 -37.72
CA GLY D 143 20.84 64.88 -37.64
C GLY D 143 21.00 65.48 -39.02
N GLY D 144 21.80 66.54 -39.09
CA GLY D 144 22.02 67.27 -40.32
C GLY D 144 21.14 68.48 -40.50
N ALA D 145 20.20 68.74 -39.58
CA ALA D 145 19.41 69.95 -39.66
C ALA D 145 20.28 71.16 -39.29
N THR D 146 20.20 72.21 -40.12
CA THR D 146 21.05 73.38 -39.98
C THR D 146 20.21 74.64 -40.07
N VAL D 147 20.81 75.77 -39.66
CA VAL D 147 20.21 77.09 -39.83
C VAL D 147 21.24 77.97 -40.53
N ASN D 148 20.75 78.93 -41.31
CA ASN D 148 21.62 79.80 -42.09
C ASN D 148 21.84 81.16 -41.45
N HIS D 149 21.18 81.46 -40.33
CA HIS D 149 21.33 82.72 -39.61
C HIS D 149 21.03 83.91 -40.55
N GLY D 150 19.78 83.95 -40.99
CA GLY D 150 19.38 84.92 -41.98
C GLY D 150 19.43 86.35 -41.46
N GLU D 151 19.59 87.28 -42.41
CA GLU D 151 19.66 88.71 -42.12
C GLU D 151 18.31 89.36 -42.35
N GLU D 152 18.21 90.63 -41.94
CA GLU D 152 17.01 91.44 -42.19
C GLU D 152 17.08 91.94 -43.62
N GLY D 153 16.27 91.34 -44.50
CA GLY D 153 16.26 91.73 -45.89
C GLY D 153 17.12 90.83 -46.76
N LYS D 154 17.09 89.54 -46.49
CA LYS D 154 17.80 88.56 -47.29
C LYS D 154 16.89 87.37 -47.55
N THR D 155 16.96 86.83 -48.76
CA THR D 155 16.14 85.67 -49.11
C THR D 155 16.57 84.47 -48.27
N ARG D 156 15.58 83.80 -47.67
CA ARG D 156 15.86 82.71 -46.74
C ARG D 156 16.08 81.43 -47.53
N GLU D 157 17.34 81.00 -47.61
CA GLU D 157 17.72 79.86 -48.41
C GLU D 157 17.29 78.54 -47.75
N GLN D 158 17.32 77.48 -48.55
CA GLN D 158 16.90 76.17 -48.08
C GLN D 158 17.94 75.58 -47.13
N THR D 159 17.47 75.05 -46.00
CA THR D 159 18.32 74.33 -45.07
C THR D 159 18.18 72.83 -45.28
N SER D 160 19.21 72.09 -44.90
CA SER D 160 19.21 70.65 -45.12
C SER D 160 18.26 69.96 -44.16
N THR D 161 17.39 69.12 -44.70
CA THR D 161 16.44 68.38 -43.88
C THR D 161 17.17 67.28 -43.12
N PRO D 162 16.94 67.14 -41.82
CA PRO D 162 17.66 66.14 -41.03
C PRO D 162 17.31 64.72 -41.44
N GLN D 163 18.24 63.81 -41.21
CA GLN D 163 18.13 62.41 -41.60
C GLN D 163 17.59 61.55 -40.45
N ILE D 164 17.16 60.34 -40.79
CA ILE D 164 16.69 59.35 -39.84
C ILE D 164 17.41 58.03 -40.12
N ASN D 165 17.67 57.28 -39.06
CA ASN D 165 18.27 55.95 -39.19
C ASN D 165 17.36 54.89 -38.57
N GLU D 166 17.54 53.68 -39.08
CA GLU D 166 16.77 52.51 -38.68
C GLU D 166 17.62 51.60 -37.81
N VAL D 167 17.10 51.23 -36.64
CA VAL D 167 17.72 50.22 -35.78
C VAL D 167 16.72 49.07 -35.68
N SER D 168 17.02 47.98 -36.38
CA SER D 168 16.09 46.84 -36.47
C SER D 168 16.45 45.83 -35.40
N ILE D 169 15.85 46.00 -34.23
CA ILE D 169 16.12 45.12 -33.10
C ILE D 169 15.13 43.96 -33.14
N LYS D 170 15.62 42.77 -33.47
CA LYS D 170 14.76 41.61 -33.66
C LYS D 170 14.74 40.76 -32.39
N LEU D 171 13.54 40.36 -31.99
CA LEU D 171 13.37 39.51 -30.81
C LEU D 171 13.58 38.05 -31.18
N TYR D 172 14.18 37.30 -30.26
CA TYR D 172 14.48 35.90 -30.48
C TYR D 172 14.19 35.11 -29.22
N PRO D 173 13.84 33.83 -29.36
CA PRO D 173 13.48 33.04 -28.17
C PRO D 173 14.67 32.63 -27.33
N VAL D 174 14.80 33.23 -26.15
CA VAL D 174 15.72 32.78 -25.12
C VAL D 174 14.91 31.90 -24.16
N TYR D 175 15.36 30.67 -23.97
CA TYR D 175 14.55 29.66 -23.30
C TYR D 175 15.46 28.75 -22.48
N ALA D 176 14.85 28.04 -21.54
CA ALA D 176 15.45 26.89 -20.89
C ALA D 176 14.36 25.84 -20.71
N TYR D 177 14.71 24.58 -20.94
CA TYR D 177 13.73 23.50 -20.98
C TYR D 177 14.14 22.38 -20.02
N PRO D 178 14.22 22.67 -18.71
CA PRO D 178 14.61 21.62 -17.76
C PRO D 178 13.50 20.60 -17.56
N ARG D 179 13.87 19.33 -17.54
CA ARG D 179 12.92 18.23 -17.39
C ARG D 179 12.99 17.70 -15.97
N THR D 180 12.26 18.38 -15.07
CA THR D 180 12.21 17.93 -13.69
C THR D 180 11.37 16.66 -13.61
N THR D 181 11.75 15.75 -12.72
CA THR D 181 10.90 14.59 -12.47
C THR D 181 9.64 15.02 -11.73
N GLN D 182 8.50 14.44 -12.12
CA GLN D 182 7.27 14.67 -11.40
C GLN D 182 7.40 14.25 -9.94
N GLU D 183 8.30 13.31 -9.66
CA GLU D 183 8.53 12.83 -8.30
C GLU D 183 8.92 13.98 -7.38
N ILE D 184 9.92 14.77 -7.77
CA ILE D 184 10.35 15.88 -6.93
C ILE D 184 9.24 16.92 -6.79
N VAL D 185 8.58 17.26 -7.90
CA VAL D 185 7.55 18.28 -7.87
C VAL D 185 6.44 17.88 -6.90
N ASP D 186 6.15 16.58 -6.82
CA ASP D 186 5.21 16.10 -5.80
C ASP D 186 5.87 15.98 -4.43
N PHE D 187 6.99 15.27 -4.38
CA PHE D 187 7.71 15.05 -3.11
C PHE D 187 8.59 16.27 -2.83
N SER D 188 8.01 17.28 -2.19
CA SER D 188 8.76 18.50 -1.92
C SER D 188 8.04 19.33 -0.89
N ASP D 189 8.81 20.11 -0.14
CA ASP D 189 8.29 21.20 0.66
C ASP D 189 8.72 22.56 0.10
N VAL D 190 9.99 22.69 -0.27
CA VAL D 190 10.41 23.84 -1.07
C VAL D 190 9.79 23.69 -2.46
N ASP D 191 9.10 24.73 -2.92
CA ASP D 191 8.29 24.62 -4.13
C ASP D 191 9.21 24.61 -5.34
N ILE D 192 9.35 23.45 -5.96
CA ILE D 192 10.30 23.28 -7.05
C ILE D 192 9.84 24.03 -8.30
N LEU D 193 8.53 24.12 -8.51
CA LEU D 193 8.05 24.86 -9.68
C LEU D 193 8.46 26.34 -9.59
N SER D 194 8.14 26.99 -8.46
CA SER D 194 8.50 28.39 -8.30
C SER D 194 10.00 28.57 -8.19
N TRP D 195 10.68 27.66 -7.48
CA TRP D 195 12.13 27.75 -7.36
C TRP D 195 12.81 27.66 -8.73
N LEU D 196 12.35 26.72 -9.57
CA LEU D 196 12.96 26.54 -10.88
C LEU D 196 12.63 27.70 -11.81
N THR D 197 11.41 28.23 -11.72
CA THR D 197 11.10 29.43 -12.48
C THR D 197 11.98 30.59 -12.05
N GLY D 198 12.23 30.73 -10.76
CA GLY D 198 13.14 31.77 -10.29
C GLY D 198 14.57 31.57 -10.77
N GLU D 199 15.04 30.31 -10.73
CA GLU D 199 16.38 30.01 -11.21
C GLU D 199 16.52 30.30 -12.70
N ILE D 200 15.50 29.94 -13.48
CA ILE D 200 15.56 30.19 -14.92
C ILE D 200 15.38 31.67 -15.23
N GLY D 201 14.65 32.40 -14.40
CA GLY D 201 14.59 33.85 -14.55
C GLY D 201 15.92 34.51 -14.24
N ASP D 202 16.61 34.03 -13.21
CA ASP D 202 17.97 34.51 -12.95
C ASP D 202 18.90 34.15 -14.09
N THR D 203 18.73 32.96 -14.66
CA THR D 203 19.49 32.59 -15.84
C THR D 203 19.17 33.51 -17.02
N PHE D 204 17.91 33.91 -17.16
CA PHE D 204 17.54 34.87 -18.19
C PHE D 204 18.21 36.22 -17.96
N THR D 205 18.27 36.67 -16.70
CA THR D 205 18.98 37.92 -16.41
C THR D 205 20.47 37.79 -16.74
N GLU D 206 21.07 36.64 -16.39
CA GLU D 206 22.49 36.41 -16.70
C GLU D 206 22.72 36.40 -18.20
N THR D 207 21.87 35.71 -18.95
CA THR D 207 22.02 35.64 -20.39
C THR D 207 21.59 36.92 -21.09
N GLU D 208 20.83 37.78 -20.39
CA GLU D 208 20.62 39.14 -20.88
C GLU D 208 21.90 39.93 -20.75
N GLU D 209 22.53 39.89 -19.58
CA GLU D 209 23.81 40.56 -19.39
C GLU D 209 24.89 39.96 -20.29
N SER D 210 24.69 38.75 -20.79
CA SER D 210 25.63 38.17 -21.75
C SER D 210 25.30 38.58 -23.18
N ASP D 211 24.05 38.41 -23.60
CA ASP D 211 23.66 38.69 -24.99
C ASP D 211 23.65 40.19 -25.26
N LEU D 212 23.14 40.98 -24.32
CA LEU D 212 23.07 42.42 -24.52
C LEU D 212 24.43 43.09 -24.44
N VAL D 213 25.48 42.35 -24.09
CA VAL D 213 26.83 42.89 -24.03
C VAL D 213 27.69 42.27 -25.12
N VAL D 214 27.86 40.95 -25.08
CA VAL D 214 28.81 40.26 -25.95
C VAL D 214 28.08 39.58 -27.10
N GLY D 215 26.79 39.27 -26.89
CA GLY D 215 25.99 38.54 -27.85
C GLY D 215 26.18 38.95 -29.30
N ASP D 216 26.62 38.01 -30.13
CA ASP D 216 26.99 38.33 -31.51
C ASP D 216 25.79 38.83 -32.31
N GLY D 217 24.59 38.38 -31.95
CA GLY D 217 23.40 38.71 -32.70
C GLY D 217 22.91 37.62 -33.61
N ASP D 218 23.54 36.43 -33.59
CA ASP D 218 23.10 35.30 -34.40
C ASP D 218 21.85 34.72 -33.77
N LYS D 219 20.70 35.22 -34.22
CA LYS D 219 19.39 34.80 -33.69
C LYS D 219 19.30 35.04 -32.19
N LYS D 220 19.79 36.21 -31.77
CA LYS D 220 19.73 36.64 -30.38
C LYS D 220 19.98 38.14 -30.35
N ALA D 221 19.93 38.72 -29.14
CA ALA D 221 20.15 40.14 -28.99
C ALA D 221 21.60 40.49 -29.32
N LYS D 222 21.79 41.53 -30.12
CA LYS D 222 23.11 41.98 -30.52
C LYS D 222 23.65 42.94 -29.48
N GLY D 223 24.66 42.50 -28.73
CA GLY D 223 25.25 43.34 -27.70
C GLY D 223 26.01 44.52 -28.29
N PHE D 224 26.16 45.56 -27.46
CA PHE D 224 26.83 46.77 -27.93
C PHE D 224 28.30 46.52 -28.23
N LEU D 225 28.91 45.53 -27.58
CA LEU D 225 30.29 45.20 -27.90
C LEU D 225 30.39 44.46 -29.24
N SER D 226 29.44 43.57 -29.52
CA SER D 226 29.44 42.88 -30.81
C SER D 226 29.15 43.84 -31.96
N VAL D 227 28.49 44.96 -31.67
CA VAL D 227 28.25 45.99 -32.69
C VAL D 227 29.60 46.51 -33.18
N PRO D 228 29.81 46.65 -34.49
CA PRO D 228 31.12 47.09 -34.98
C PRO D 228 31.51 48.45 -34.42
N ARG D 229 32.80 48.62 -34.15
CA ARG D 229 33.34 49.79 -33.48
C ARG D 229 34.22 50.57 -34.44
N ALA D 230 34.32 51.88 -34.18
CA ALA D 230 35.10 52.77 -35.05
C ALA D 230 35.67 53.90 -34.21
N GLU D 231 36.99 54.09 -34.29
CA GLU D 231 37.67 55.13 -33.51
C GLU D 231 37.54 56.46 -34.25
N LYS D 232 36.36 57.06 -34.16
CA LYS D 232 36.07 58.34 -34.78
C LYS D 232 35.09 59.11 -33.90
N ASN D 233 35.06 60.42 -34.10
CA ASN D 233 34.15 61.28 -33.36
C ASN D 233 32.74 61.16 -33.90
N ASP D 234 31.79 61.74 -33.15
CA ASP D 234 30.37 61.62 -33.51
C ASP D 234 30.08 62.22 -34.88
N LYS D 235 30.84 63.23 -35.31
CA LYS D 235 30.59 63.85 -36.59
C LYS D 235 31.02 62.97 -37.75
N GLU D 236 32.17 62.31 -37.62
CA GLU D 236 32.71 61.55 -38.75
C GLU D 236 32.21 60.10 -38.76
N ARG D 237 31.95 59.53 -37.59
CA ARG D 237 31.67 58.11 -37.48
C ARG D 237 30.32 57.75 -38.09
N ASP D 238 30.25 56.56 -38.68
CA ASP D 238 29.01 56.06 -39.23
C ASP D 238 28.04 55.69 -38.12
N PHE D 239 26.75 55.84 -38.39
CA PHE D 239 25.74 55.47 -37.41
C PHE D 239 25.68 53.95 -37.27
N GLY D 240 25.22 53.50 -36.11
CA GLY D 240 25.17 52.08 -35.83
C GLY D 240 26.51 51.49 -35.44
N THR D 241 27.52 52.33 -35.25
CA THR D 241 28.84 51.90 -34.80
C THR D 241 29.24 52.77 -33.60
N LEU D 242 29.92 52.16 -32.64
CA LEU D 242 30.27 52.83 -31.39
C LEU D 242 31.69 53.35 -31.44
N GLN D 243 31.88 54.55 -30.88
CA GLN D 243 33.20 55.13 -30.75
C GLN D 243 34.05 54.31 -29.79
N VAL D 244 35.13 53.73 -30.30
CA VAL D 244 36.04 52.92 -29.50
C VAL D 244 37.37 53.66 -29.37
N ILE D 245 37.88 53.72 -28.15
CA ILE D 245 39.18 54.34 -27.88
C ILE D 245 40.18 53.23 -27.56
N LYS D 246 41.30 53.23 -28.29
CA LYS D 246 42.31 52.17 -28.25
C LYS D 246 43.68 52.80 -28.04
N PRO D 247 44.02 53.18 -26.81
CA PRO D 247 45.35 53.74 -26.54
C PRO D 247 46.39 52.64 -26.40
N SER D 248 47.65 53.07 -26.37
CA SER D 248 48.75 52.13 -26.20
C SER D 248 48.79 51.63 -24.76
N GLU D 249 49.52 50.52 -24.56
CA GLU D 249 49.61 49.91 -23.23
C GLU D 249 50.31 50.82 -22.23
N SER D 250 51.10 51.78 -22.70
CA SER D 250 51.82 52.67 -21.78
C SER D 250 50.85 53.46 -20.91
N LEU D 251 50.01 54.29 -21.53
CA LEU D 251 49.07 55.12 -20.78
C LEU D 251 47.75 54.43 -20.49
N ALA D 252 47.59 53.17 -20.91
CA ALA D 252 46.34 52.46 -20.68
C ALA D 252 46.14 52.15 -19.20
N TRP D 253 47.10 51.44 -18.60
CA TRP D 253 46.98 51.02 -17.21
C TRP D 253 47.89 51.81 -16.28
N THR D 254 48.45 52.92 -16.76
CA THR D 254 49.27 53.80 -15.94
C THR D 254 48.56 55.09 -15.55
N SER D 255 47.67 55.60 -16.40
CA SER D 255 47.07 56.90 -16.19
C SER D 255 45.57 56.80 -16.43
N ALA D 256 44.86 57.89 -16.09
CA ALA D 256 43.43 57.98 -16.28
C ALA D 256 43.05 58.46 -17.67
N ASP D 257 44.03 58.71 -18.54
CA ASP D 257 43.76 59.26 -19.87
C ASP D 257 42.75 58.45 -20.68
N PRO D 258 42.83 57.12 -20.76
CA PRO D 258 41.80 56.39 -21.51
C PRO D 258 40.39 56.59 -20.96
N LEU D 259 40.25 56.62 -19.63
CA LEU D 259 38.91 56.75 -19.04
C LEU D 259 38.38 58.18 -19.17
N ILE D 260 39.26 59.18 -19.08
CA ILE D 260 38.85 60.55 -19.32
C ILE D 260 38.44 60.74 -20.78
N ASP D 261 39.22 60.14 -21.68
CA ASP D 261 38.84 60.11 -23.09
C ASP D 261 37.47 59.47 -23.29
N LEU D 262 37.21 58.37 -22.56
CA LEU D 262 35.93 57.70 -22.69
C LEU D 262 34.79 58.57 -22.14
N LYS D 263 35.04 59.26 -21.04
CA LYS D 263 34.03 60.15 -20.45
C LYS D 263 33.66 61.27 -21.40
N PHE D 264 34.65 62.00 -21.90
CA PHE D 264 34.37 63.16 -22.72
C PHE D 264 34.25 62.83 -24.20
N ALA D 265 34.34 61.55 -24.58
CA ALA D 265 33.87 61.13 -25.88
C ALA D 265 32.35 61.25 -25.96
N LEU D 266 31.67 60.92 -24.86
CA LEU D 266 30.25 61.23 -24.74
C LEU D 266 30.04 62.73 -24.78
N ARG D 267 28.93 63.13 -25.39
CA ARG D 267 28.48 64.50 -25.30
C ARG D 267 27.78 64.73 -23.97
N LYS D 268 27.66 66.01 -23.59
CA LYS D 268 26.94 66.38 -22.37
C LYS D 268 25.54 65.79 -22.35
N LYS D 269 24.92 65.71 -23.55
CA LYS D 269 23.57 65.17 -23.71
C LYS D 269 23.44 63.81 -23.04
N TYR D 270 24.48 62.99 -23.11
CA TYR D 270 24.49 61.66 -22.54
C TYR D 270 25.17 61.60 -21.19
N ARG D 271 26.17 62.46 -20.97
CA ARG D 271 26.88 62.47 -19.70
C ARG D 271 25.98 62.92 -18.56
N LYS D 272 24.88 63.62 -18.85
CA LYS D 272 23.95 63.98 -17.78
C LYS D 272 23.43 62.73 -17.07
N ASN D 273 23.00 61.72 -17.83
CA ASN D 273 22.46 60.50 -17.25
C ASN D 273 23.23 59.29 -17.74
N ALA D 274 24.56 59.38 -17.72
CA ALA D 274 25.41 58.29 -18.18
C ALA D 274 25.69 57.31 -17.05
N VAL D 275 26.26 56.17 -17.42
CA VAL D 275 26.64 55.14 -16.45
C VAL D 275 27.78 54.33 -17.06
N TRP D 276 28.72 53.93 -16.20
CA TRP D 276 29.85 53.10 -16.59
C TRP D 276 29.45 51.63 -16.58
N VAL D 277 30.13 50.84 -17.41
CA VAL D 277 29.84 49.43 -17.59
C VAL D 277 31.19 48.72 -17.69
N VAL D 278 31.61 48.06 -16.61
CA VAL D 278 32.93 47.45 -16.52
C VAL D 278 32.79 46.03 -15.99
N ASN D 279 33.66 45.14 -16.46
CA ASN D 279 33.77 43.81 -15.89
C ASN D 279 34.40 43.89 -14.51
N SER D 280 34.05 42.93 -13.65
CA SER D 280 34.59 42.93 -12.29
C SER D 280 36.10 42.77 -12.29
N THR D 281 36.62 41.87 -13.13
CA THR D 281 38.08 41.74 -13.27
C THR D 281 38.67 43.01 -13.86
N THR D 282 38.03 43.56 -14.90
CA THR D 282 38.50 44.81 -15.49
C THR D 282 38.38 45.95 -14.50
N ALA D 283 37.34 45.93 -13.65
CA ALA D 283 37.21 46.95 -12.61
C ALA D 283 38.35 46.86 -11.61
N ALA D 284 38.70 45.63 -11.20
CA ALA D 284 39.83 45.46 -10.28
C ALA D 284 41.12 45.95 -10.92
N LYS D 285 41.32 45.63 -12.20
CA LYS D 285 42.51 46.09 -12.91
C LYS D 285 42.54 47.62 -12.99
N LEU D 286 41.37 48.24 -13.18
CA LEU D 286 41.29 49.70 -13.21
C LEU D 286 41.63 50.30 -11.85
N GLN D 287 41.10 49.73 -10.77
CA GLN D 287 41.39 50.27 -9.44
C GLN D 287 42.85 50.09 -9.06
N LYS D 288 43.59 49.23 -9.77
CA LYS D 288 44.98 48.97 -9.50
C LYS D 288 45.93 49.80 -10.35
N VAL D 289 45.41 50.65 -11.24
CA VAL D 289 46.29 51.42 -12.12
C VAL D 289 47.09 52.39 -11.27
N LYS D 290 48.40 52.42 -11.49
CA LYS D 290 49.31 53.25 -10.71
C LYS D 290 50.28 53.93 -11.67
N ASN D 291 50.42 55.24 -11.51
CA ASN D 291 51.27 56.02 -12.40
C ASN D 291 52.74 55.69 -12.17
N ALA D 292 53.61 56.38 -12.90
CA ALA D 292 55.05 56.13 -12.81
C ALA D 292 55.56 56.33 -11.39
N ASN D 293 54.96 57.26 -10.65
CA ASN D 293 55.36 57.46 -9.25
C ASN D 293 54.99 56.25 -8.40
N GLY D 294 53.78 55.73 -8.56
CA GLY D 294 53.33 54.59 -7.80
C GLY D 294 51.98 54.78 -7.15
N ASP D 295 51.53 56.03 -7.04
CA ASP D 295 50.24 56.30 -6.44
C ASP D 295 49.11 55.80 -7.33
N TYR D 296 48.03 55.35 -6.69
CA TYR D 296 46.82 54.98 -7.42
C TYR D 296 46.21 56.20 -8.10
N ILE D 297 45.64 55.96 -9.29
CA ILE D 297 44.89 56.99 -9.98
C ILE D 297 43.51 57.14 -9.38
N TRP D 298 42.78 56.02 -9.24
CA TRP D 298 41.45 56.01 -8.66
C TRP D 298 41.61 55.65 -7.19
N ARG D 299 41.74 56.67 -6.35
CA ARG D 299 42.11 56.47 -4.95
C ARG D 299 40.90 56.24 -4.06
N ASP D 300 40.05 55.28 -4.45
CA ASP D 300 38.89 54.83 -3.67
C ASP D 300 38.22 56.00 -2.96
N ARG D 301 37.80 57.00 -3.73
CA ARG D 301 37.49 58.34 -3.22
C ARG D 301 36.08 58.42 -2.66
N LEU D 302 35.51 57.28 -2.28
CA LEU D 302 34.09 57.15 -1.99
C LEU D 302 33.80 57.29 -0.50
N GLN D 303 32.54 57.53 -0.19
CA GLN D 303 32.02 57.41 1.17
C GLN D 303 31.31 56.07 1.31
N ALA D 304 30.76 55.79 2.51
CA ALA D 304 30.06 54.53 2.71
C ALA D 304 28.76 54.51 1.91
N GLY D 305 27.98 55.59 1.97
CA GLY D 305 26.71 55.68 1.28
C GLY D 305 26.78 55.94 -0.20
N ASP D 306 27.97 56.24 -0.72
CA ASP D 306 28.13 56.48 -2.15
C ASP D 306 28.06 55.17 -2.93
N PRO D 307 27.28 55.11 -4.00
CA PRO D 307 27.41 53.99 -4.94
C PRO D 307 28.72 54.10 -5.70
N ASP D 308 29.22 52.95 -6.14
CA ASP D 308 30.52 52.89 -6.79
C ASP D 308 30.49 53.73 -8.07
N THR D 309 31.34 54.75 -8.11
CA THR D 309 31.38 55.68 -9.23
C THR D 309 32.79 55.79 -9.78
N LEU D 310 32.92 56.51 -10.88
CA LEU D 310 34.19 56.65 -11.59
C LEU D 310 34.09 57.88 -12.48
N LEU D 311 34.93 58.88 -12.21
CA LEU D 311 34.88 60.17 -12.90
C LEU D 311 33.51 60.81 -12.80
N GLY D 312 32.91 60.74 -11.62
CA GLY D 312 31.64 61.41 -11.36
C GLY D 312 30.44 60.78 -12.04
N LEU D 313 30.50 59.49 -12.36
CA LEU D 313 29.39 58.79 -12.96
C LEU D 313 29.29 57.41 -12.33
N PRO D 314 28.07 56.90 -12.14
CA PRO D 314 27.91 55.58 -11.52
C PRO D 314 28.42 54.47 -12.43
N VAL D 315 28.82 53.37 -11.79
CA VAL D 315 29.40 52.22 -12.47
C VAL D 315 28.52 51.02 -12.14
N GLU D 316 27.72 50.58 -13.12
CA GLU D 316 26.95 49.35 -13.01
C GLU D 316 27.71 48.25 -13.74
N TYR D 317 28.33 47.36 -12.97
CA TYR D 317 29.25 46.37 -13.52
C TYR D 317 28.47 45.28 -14.23
N LEU D 318 29.01 44.80 -15.34
CA LEU D 318 28.46 43.63 -16.04
C LEU D 318 29.52 42.55 -16.09
N GLU D 319 29.17 41.37 -15.57
CA GLU D 319 30.14 40.30 -15.34
C GLU D 319 30.53 39.57 -16.62
N PHE D 320 29.74 39.67 -17.67
CA PHE D 320 29.95 38.89 -18.89
C PHE D 320 30.79 39.63 -19.92
N MET D 321 31.30 40.80 -19.59
CA MET D 321 32.16 41.54 -20.50
C MET D 321 33.50 40.81 -20.66
N PRO D 322 34.16 40.97 -21.80
CA PRO D 322 35.51 40.44 -21.96
C PRO D 322 36.50 41.21 -21.09
N ASP D 323 37.62 40.55 -20.80
CA ASP D 323 38.64 41.17 -19.96
C ASP D 323 39.26 42.38 -20.64
N ASN D 324 39.48 43.43 -19.85
CA ASN D 324 40.13 44.67 -20.31
C ASN D 324 39.29 45.37 -21.38
N VAL D 325 37.97 45.45 -21.15
CA VAL D 325 37.04 46.16 -22.03
C VAL D 325 36.12 46.99 -21.16
N ILE D 326 35.90 48.25 -21.53
CA ILE D 326 35.08 49.16 -20.74
C ILE D 326 34.03 49.78 -21.66
N ALA D 327 32.88 50.14 -21.08
CA ALA D 327 31.84 50.86 -21.81
C ALA D 327 31.30 51.96 -20.93
N LEU D 328 30.68 52.96 -21.56
CA LEU D 328 30.13 54.08 -20.80
C LEU D 328 29.07 54.78 -21.65
N GLY D 329 27.91 55.03 -21.07
CA GLY D 329 26.92 55.78 -21.83
C GLY D 329 25.59 55.90 -21.11
N ASP D 330 24.71 56.69 -21.74
CA ASP D 330 23.33 56.87 -21.30
C ASP D 330 22.52 55.71 -21.87
N PHE D 331 22.64 54.56 -21.20
CA PHE D 331 22.07 53.32 -21.74
C PHE D 331 20.55 53.34 -21.80
N LYS D 332 19.90 54.28 -21.10
CA LYS D 332 18.47 54.51 -21.32
C LYS D 332 18.22 54.82 -22.80
N ARG D 333 19.03 55.73 -23.36
CA ARG D 333 19.03 56.02 -24.78
C ARG D 333 19.94 55.08 -25.55
N GLY D 334 21.10 54.74 -24.96
CA GLY D 334 22.14 54.04 -25.69
C GLY D 334 21.76 52.65 -26.16
N TYR D 335 20.97 51.93 -25.37
CA TYR D 335 20.64 50.56 -25.71
C TYR D 335 19.18 50.31 -25.46
N TYR D 336 18.53 49.57 -26.36
CA TYR D 336 17.16 49.14 -26.18
C TYR D 336 17.11 47.64 -25.94
N ILE D 337 16.49 47.26 -24.83
CA ILE D 337 16.15 45.88 -24.50
C ILE D 337 14.69 45.68 -24.84
N VAL D 338 14.43 44.98 -25.93
CA VAL D 338 13.07 44.81 -26.45
C VAL D 338 12.58 43.47 -25.95
N ASP D 339 11.75 43.51 -24.91
CA ASP D 339 11.06 42.32 -24.44
C ASP D 339 9.70 42.21 -25.13
N HIS D 340 9.22 40.99 -25.27
CA HIS D 340 7.91 40.80 -25.88
C HIS D 340 6.81 41.07 -24.85
N GLU D 341 5.64 41.47 -25.35
CA GLU D 341 4.54 41.83 -24.45
C GLU D 341 4.09 40.68 -23.58
N THR D 342 4.29 39.43 -24.02
CA THR D 342 3.97 38.29 -23.17
C THR D 342 4.97 38.15 -22.03
N GLY D 343 6.23 38.52 -22.26
CA GLY D 343 7.24 38.35 -21.24
C GLY D 343 7.57 36.88 -21.04
N VAL D 344 7.94 36.55 -19.80
CA VAL D 344 8.20 35.16 -19.45
C VAL D 344 6.89 34.40 -19.38
N ARG D 345 6.80 33.29 -20.12
CA ARG D 345 5.56 32.53 -20.30
C ARG D 345 5.88 31.07 -19.96
N THR D 346 5.58 30.67 -18.72
CA THR D 346 6.03 29.38 -18.19
C THR D 346 4.91 28.36 -18.22
N ARG D 347 4.79 27.69 -19.36
CA ARG D 347 3.95 26.49 -19.43
C ARG D 347 4.72 25.29 -18.90
N PRO D 348 4.15 24.50 -18.00
CA PRO D 348 4.93 23.42 -17.37
C PRO D 348 5.10 22.18 -18.22
N ASP D 349 4.28 22.00 -19.25
CA ASP D 349 4.43 20.90 -20.21
C ASP D 349 4.53 19.56 -19.49
N ASN D 350 3.47 19.17 -18.80
CA ASN D 350 3.47 17.94 -18.01
C ASN D 350 3.13 16.70 -18.83
N LEU D 351 2.53 16.88 -20.01
CA LEU D 351 2.02 15.74 -20.77
C LEU D 351 3.01 15.17 -21.78
N THR D 352 4.10 15.89 -22.09
CA THR D 352 4.98 15.47 -23.17
C THR D 352 5.65 14.14 -22.85
N GLU D 353 6.01 13.92 -21.60
CA GLU D 353 6.71 12.70 -21.19
C GLU D 353 6.36 12.47 -19.74
N PRO D 354 5.36 11.63 -19.46
CA PRO D 354 4.84 11.50 -18.09
C PRO D 354 5.88 10.91 -17.16
N GLY D 355 5.74 11.22 -15.88
CA GLY D 355 6.81 11.04 -14.92
C GLY D 355 7.80 12.19 -14.93
N PHE D 356 7.70 13.09 -15.91
CA PHE D 356 8.53 14.27 -16.01
C PHE D 356 7.65 15.46 -16.35
N ILE D 357 7.89 16.57 -15.67
CA ILE D 357 7.28 17.85 -15.99
C ILE D 357 8.42 18.76 -16.46
N LYS D 358 8.22 19.39 -17.62
CA LYS D 358 9.29 20.11 -18.31
C LYS D 358 8.90 21.58 -18.43
N ILE D 359 9.32 22.38 -17.43
CA ILE D 359 9.07 23.81 -17.49
C ILE D 359 9.80 24.39 -18.69
N PHE D 360 9.07 25.14 -19.51
CA PHE D 360 9.61 25.71 -20.74
C PHE D 360 9.95 27.18 -20.61
N THR D 361 9.08 27.97 -19.97
CA THR D 361 9.36 29.34 -19.51
C THR D 361 10.15 30.16 -20.52
N GLN D 362 9.83 30.00 -21.81
CA GLN D 362 10.52 30.76 -22.84
C GLN D 362 10.14 32.23 -22.80
N LYS D 363 11.13 33.09 -23.07
CA LYS D 363 10.90 34.52 -23.23
C LYS D 363 11.48 34.95 -24.57
N TYR D 364 11.04 36.10 -25.06
CA TYR D 364 11.52 36.65 -26.32
C TYR D 364 12.39 37.87 -26.02
N LEU D 365 13.71 37.64 -26.06
CA LEU D 365 14.67 38.70 -25.78
C LEU D 365 15.13 39.34 -27.08
N GLY D 366 15.20 40.66 -27.09
CA GLY D 366 15.88 41.38 -28.15
C GLY D 366 16.69 42.51 -27.55
N GLY D 367 17.71 42.93 -28.29
CA GLY D 367 18.55 44.01 -27.81
C GLY D 367 19.30 44.65 -28.94
N GLY D 368 19.49 45.96 -28.84
CA GLY D 368 20.17 46.65 -29.93
C GLY D 368 20.73 47.98 -29.47
N VAL D 369 21.75 48.41 -30.22
CA VAL D 369 22.31 49.74 -30.00
C VAL D 369 21.39 50.78 -30.62
N VAL D 370 21.01 51.77 -29.82
CA VAL D 370 20.16 52.87 -30.24
C VAL D 370 20.83 54.16 -29.79
N ASP D 371 20.87 55.16 -30.66
CA ASP D 371 21.82 56.27 -30.47
C ASP D 371 23.23 55.73 -30.32
N SER D 372 23.81 55.21 -31.41
CA SER D 372 25.20 54.73 -31.35
C SER D 372 26.14 55.79 -30.79
N ASN D 373 25.74 57.06 -30.79
CA ASN D 373 26.53 58.11 -30.17
C ASN D 373 26.36 58.17 -28.65
N ALA D 374 25.41 57.41 -28.09
CA ALA D 374 25.14 57.44 -26.66
C ALA D 374 25.91 56.39 -25.88
N ILE D 375 26.68 55.53 -26.56
CA ILE D 375 27.54 54.55 -25.90
C ILE D 375 28.95 54.69 -26.46
N LYS D 376 29.94 54.63 -25.58
CA LYS D 376 31.34 54.71 -25.96
C LYS D 376 32.06 53.49 -25.40
N ILE D 377 32.93 52.90 -26.21
CA ILE D 377 33.68 51.70 -25.85
C ILE D 377 35.15 52.07 -25.70
N LEU D 378 35.81 51.42 -24.74
CA LEU D 378 37.22 51.67 -24.44
C LEU D 378 37.92 50.32 -24.39
N GLU D 379 38.74 50.04 -25.41
CA GLU D 379 39.53 48.82 -25.41
C GLU D 379 40.90 49.09 -24.82
N LEU D 380 41.34 48.19 -23.93
CA LEU D 380 42.63 48.36 -23.30
C LEU D 380 43.49 47.12 -23.55
N PRO D 381 44.77 47.30 -23.84
CA PRO D 381 45.63 46.15 -24.15
C PRO D 381 45.73 45.18 -22.97
N GLN D 382 45.85 43.90 -23.30
CA GLN D 382 45.94 42.86 -22.29
C GLN D 382 47.33 42.87 -21.66
N ASP D 383 47.38 42.91 -20.34
CA ASP D 383 48.64 42.95 -19.61
C ASP D 383 49.32 41.57 -19.60
#